data_9VMY
#
_entry.id   9VMY
#
_cell.length_a   1.00
_cell.length_b   1.00
_cell.length_c   1.00
_cell.angle_alpha   90.00
_cell.angle_beta   90.00
_cell.angle_gamma   90.00
#
_symmetry.space_group_name_H-M   'P 1'
#
loop_
_entity.id
_entity.type
_entity.pdbx_description
1 polymer 'Guanine nucleotide-binding protein G(o) subunit alpha'
2 polymer 'Guanine nucleotide-binding protein G(I)/G(S)/G(T) subunit beta-1'
3 polymer 'Guanine nucleotide-binding protein G(I)/G(S)/G(O) subunit gamma-2'
4 polymer ScFv16
5 polymer 'Soluble cytochrome b562,5-hydroxytryptamine receptor 1A'
6 non-polymer 8-[3-[[(2~{S})-3-(1~{H}-indol-4-yloxy)-2-oxidanyl-propyl]amino]propyl]-8-azaspiro[4.5]decane-7,9-dione
7 non-polymer CHOLESTEROL
8 non-polymer '(2R)-1-(heptadecanoyloxy)-3-{[(R)-hydroxy{[(1R,2R,3R,4R,5S,6R)-2,3,5,6-tetrahydroxy-4-(phosphonooxy)cyclohexyl]oxy}phosphoryl]oxy}propan-2-yl (5Z,8Z,11Z,14Z)-icosa-5,8,11,14-tetraenoate'
#
loop_
_entity_poly.entity_id
_entity_poly.type
_entity_poly.pdbx_seq_one_letter_code
_entity_poly.pdbx_strand_id
1 'polypeptide(L)'
;MGSTLSAEERAALERSKAIEKNLKEDGISAAKDVKLLLLGAGESGKNTIVKQMKIIHEDGFSGEDVKQYKPVVYSNTIQS
LAAIVRAMDTLGIEYGDKERKADAKMVCDVVSRMEDTEPFSAELLSAMMRLWGDSGIQECFNRSREYQLNDSAKYYLDSL
DRIGAADYQPTEQDILRTRVKTTGIVETHFTFKNLHFRLFDVGAQRSERKKWIHCFEDVTAIIFCVALSGYDQVLHEDET
TNRMHASLKLFDSICNNKFFIDTSIILFLNKKDLFGEKIKKSPLTICFPEYTGPNTYEDAAAYIQAQFESKNRSPNKEIY
CHMTCSTDTNNIQVVFDAVTDIIIANNLRGCGLY
;
B
2 'polypeptide(L)'
;MHHHHHHLEVLFQGPGSSGSELDQLRQEAEQLKNQIRDARKACADATLSQITNNIDPVGRIQMRTRRTLRGHLAKIYAMH
WGTDSRLLVSASQDGKLIIWDSYTTNKVHAIPLRSSWVMTCAYAPSGNYVACGGLDNICSIYNLKTREGNVRVSRELAGH
TGYLSCCRFLDDNQIVTSSGDTTCALWDIETGQQTTTFTGHTGDVMSLSLAPDTRLFVSGACDASAKLWDVREGMCRQTF
TGHESDINAICFFPNGNAFATGSDDATCRLFDLRADQELMTYSHDNIICGITSVSFSKSGRLLLAGYDDFNCNVWDALKA
DRAGVLAGHDNRVSCLGVTDDGMAVATGSWDSFLKIWN
;
C
3 'polypeptide(L)' MASNNTASIAQARKLVEQLKMEANIDRIKVSKAAADLMAYCEAHAKEDPLLTPVPASENPFREKKFFCAIL D
4 'polypeptide(L)'
;DVQLVESGGGLVQPGGSRKLSCSASGFAFSSFGMHWVRQAPEKGLEWVAYISSGSGTIYYADTVKGRFTISRDDPKNTLF
LQMTSLRSEDTAMYYCVRSIYYYGSSPFDFWGQGTTLTVSSGGGGSGGGGSGGGGSDIVMTQATSSVPVTPGESVSISCR
SSKSLLHSNGNTYLYWFLQRPGQSPQLLIYRMSNLASGVPDRFSGSGSGTAFTLTISRLEAEDVGVYYCMQHLEYPLTFG
AGTKLELKAAA
;
E
5 'polypeptide(L)'
;DYKDDDDAKLQTMHHHHHHHHHHENLYFQGGTTMADLEDNWETLNDNLKVIEKADNAAQVKDALTKMRAAALDAQKATPP
KLEDKSPDSPEMKDFRHGFDILVGQIDDALKLANEGKVKEAQAAAEQLKTTRNAYIQKYLGSTLEVLFQGPTTGISDVTV
SYQVITSLLLGTLIFCAVLGNACVVAAIALERSLQNVANYLIGSLAVTDLMVSVLVLPMAALYQVLNKWTLGQVTCDLFI
ALDVLCCTSSIWHLCAIALDRYWAITDPIDYVNKRTPRRAAALISLTWLIGFLISIPPMLGWRTPEDRSDPDACTISKDH
GYTIYSTFGAFYIPLLLMLVLYGRIFRAARFRIRKTVKKVEKTGADTRHGASPAPQPKKSVNGESGSRNWRLGVESKAGG
ALCANGAVRQGDDGAALEVIEVHRVGNSKEHLPLPSEAGPTPCAPASFERKNERNAEAKRKMALARERKTVKTLGIIMGT
FILCWLPFFIVALVLPFCESSCHMPTLLGAIINWLGYSNSLLNPVIYAYFNKDFQNAFKKIIKCKFCRQ
;
R
#
# COMPACT_ATOMS: atom_id res chain seq x y z
N LEU A 5 -8.99 -3.49 25.08
CA LEU A 5 -9.39 -4.48 24.09
C LEU A 5 -9.94 -5.73 24.75
N SER A 6 -10.76 -6.47 24.02
CA SER A 6 -11.21 -7.77 24.47
C SER A 6 -10.15 -8.82 24.17
N ALA A 7 -10.35 -10.03 24.70
CA ALA A 7 -9.43 -11.12 24.41
C ALA A 7 -9.44 -11.44 22.93
N GLU A 8 -10.62 -11.54 22.34
CA GLU A 8 -10.72 -11.76 20.90
C GLU A 8 -10.18 -10.58 20.11
N GLU A 9 -10.44 -9.36 20.58
CA GLU A 9 -9.87 -8.19 19.93
C GLU A 9 -8.36 -8.16 20.08
N ARG A 10 -7.84 -8.61 21.22
CA ARG A 10 -6.39 -8.67 21.38
C ARG A 10 -5.78 -9.68 20.41
N ALA A 11 -6.41 -10.84 20.25
CA ALA A 11 -5.88 -11.82 19.31
C ALA A 11 -6.05 -11.37 17.87
N ALA A 12 -7.11 -10.61 17.58
CA ALA A 12 -7.29 -10.04 16.24
C ALA A 12 -6.23 -8.99 15.96
N LEU A 13 -5.89 -8.18 16.97
CA LEU A 13 -4.79 -7.22 16.82
C LEU A 13 -3.46 -7.93 16.61
N GLU A 14 -3.24 -9.04 17.33
CA GLU A 14 -2.03 -9.82 17.11
C GLU A 14 -1.97 -10.36 15.70
N ARG A 15 -3.09 -10.85 15.19
CA ARG A 15 -3.14 -11.33 13.81
C ARG A 15 -2.88 -10.20 12.83
N SER A 16 -3.44 -9.02 13.10
CA SER A 16 -3.19 -7.87 12.24
C SER A 16 -1.73 -7.48 12.24
N LYS A 17 -1.08 -7.54 13.40
CA LYS A 17 0.33 -7.20 13.48
C LYS A 17 1.19 -8.23 12.75
N ALA A 18 0.81 -9.50 12.82
CA ALA A 18 1.50 -10.52 12.02
C ALA A 18 1.33 -10.26 10.53
N ILE A 19 0.12 -9.87 10.12
CA ILE A 19 -0.12 -9.53 8.72
C ILE A 19 0.72 -8.33 8.31
N GLU A 20 0.80 -7.32 9.18
CA GLU A 20 1.63 -6.15 8.89
C GLU A 20 3.09 -6.54 8.74
N LYS A 21 3.57 -7.42 9.61
CA LYS A 21 4.96 -7.88 9.53
C LYS A 21 5.22 -8.59 8.21
N ASN A 22 4.31 -9.48 7.79
CA ASN A 22 4.49 -10.17 6.54
C ASN A 22 4.39 -9.22 5.35
N LEU A 23 3.51 -8.22 5.43
CA LEU A 23 3.42 -7.23 4.36
C LEU A 23 4.71 -6.43 4.25
N LYS A 24 5.28 -6.03 5.39
CA LYS A 24 6.53 -5.28 5.37
C LYS A 24 7.67 -6.13 4.81
N GLU A 25 7.73 -7.40 5.19
CA GLU A 25 8.77 -8.28 4.66
C GLU A 25 8.61 -8.46 3.15
N ASP A 26 7.37 -8.63 2.68
CA ASP A 26 7.15 -8.78 1.24
C ASP A 26 7.49 -7.51 0.49
N GLY A 27 7.20 -6.35 1.08
CA GLY A 27 7.58 -5.09 0.45
C GLY A 27 9.08 -4.89 0.41
N ILE A 28 9.79 -5.32 1.46
CA ILE A 28 11.25 -5.28 1.45
C ILE A 28 11.79 -6.18 0.34
N SER A 29 11.23 -7.38 0.21
CA SER A 29 11.67 -8.29 -0.83
C SER A 29 11.38 -7.73 -2.22
N ALA A 30 10.22 -7.09 -2.39
CA ALA A 30 9.83 -6.58 -3.70
C ALA A 30 10.57 -5.31 -4.08
N ALA A 31 11.04 -4.55 -3.09
CA ALA A 31 11.83 -3.37 -3.37
C ALA A 31 13.18 -3.70 -4.01
N LYS A 32 13.71 -4.90 -3.77
CA LYS A 32 14.96 -5.34 -4.36
C LYS A 32 14.79 -5.84 -5.79
N ASP A 33 13.57 -5.84 -6.31
CA ASP A 33 13.30 -6.31 -7.66
C ASP A 33 13.41 -5.16 -8.63
N VAL A 34 14.15 -5.37 -9.71
CA VAL A 34 14.30 -4.37 -10.77
C VAL A 34 13.24 -4.65 -11.82
N LYS A 35 12.29 -3.73 -11.97
CA LYS A 35 11.11 -3.93 -12.81
C LYS A 35 11.36 -3.33 -14.19
N LEU A 36 11.26 -4.16 -15.22
CA LEU A 36 11.47 -3.75 -16.60
C LEU A 36 10.18 -3.92 -17.37
N LEU A 37 9.73 -2.86 -18.04
CA LEU A 37 8.56 -2.92 -18.91
C LEU A 37 9.04 -3.24 -20.32
N LEU A 38 8.72 -4.43 -20.80
CA LEU A 38 9.18 -4.90 -22.09
C LEU A 38 8.13 -4.56 -23.15
N LEU A 39 8.47 -3.65 -24.06
CA LEU A 39 7.55 -3.18 -25.09
C LEU A 39 8.05 -3.60 -26.47
N GLY A 40 7.33 -3.15 -27.49
CA GLY A 40 7.63 -3.50 -28.87
C GLY A 40 6.44 -3.18 -29.75
N ALA A 41 6.52 -3.55 -31.04
CA ALA A 41 5.47 -3.23 -32.01
C ALA A 41 5.13 -4.46 -32.82
N GLY A 42 4.07 -5.16 -32.41
CA GLY A 42 3.56 -6.29 -33.18
C GLY A 42 4.54 -7.42 -33.36
N GLU A 43 5.04 -7.59 -34.57
CA GLU A 43 5.96 -8.67 -34.93
C GLU A 43 7.41 -8.33 -34.65
N SER A 44 7.68 -7.43 -33.71
CA SER A 44 9.05 -7.06 -33.36
C SER A 44 9.74 -8.28 -32.72
N GLY A 45 11.04 -8.13 -32.45
CA GLY A 45 11.82 -9.22 -31.91
C GLY A 45 11.68 -9.41 -30.41
N LYS A 46 10.47 -9.15 -29.89
CA LYS A 46 10.25 -9.31 -28.45
C LYS A 46 10.43 -10.75 -28.02
N ASN A 47 9.88 -11.70 -28.80
CA ASN A 47 9.92 -13.10 -28.40
C ASN A 47 11.35 -13.64 -28.35
N THR A 48 12.22 -13.17 -29.26
CA THR A 48 13.59 -13.64 -29.25
C THR A 48 14.30 -13.28 -27.94
N ILE A 49 14.21 -12.02 -27.53
CA ILE A 49 14.83 -11.64 -26.27
C ILE A 49 14.10 -12.23 -25.07
N VAL A 50 12.79 -12.47 -25.17
CA VAL A 50 12.09 -13.16 -24.10
C VAL A 50 12.69 -14.53 -23.88
N LYS A 51 12.90 -15.29 -24.97
CA LYS A 51 13.57 -16.57 -24.87
C LYS A 51 15.00 -16.43 -24.38
N GLN A 52 15.68 -15.35 -24.78
CA GLN A 52 17.05 -15.13 -24.33
C GLN A 52 17.13 -14.96 -22.81
N MET A 53 16.24 -14.14 -22.24
CA MET A 53 16.23 -14.03 -20.77
C MET A 53 15.61 -15.25 -20.11
N THR A 183 -3.87 -15.02 -22.02
CA THR A 183 -3.55 -14.15 -20.90
C THR A 183 -3.44 -12.70 -21.36
N GLY A 184 -3.18 -11.79 -20.42
CA GLY A 184 -3.09 -10.38 -20.76
C GLY A 184 -1.73 -9.76 -20.54
N ILE A 185 -0.98 -10.25 -19.56
CA ILE A 185 0.36 -9.75 -19.27
C ILE A 185 1.25 -10.93 -18.92
N VAL A 186 2.48 -10.93 -19.46
CA VAL A 186 3.46 -11.97 -19.20
C VAL A 186 4.56 -11.38 -18.32
N GLU A 187 4.70 -11.92 -17.12
CA GLU A 187 5.68 -11.45 -16.15
C GLU A 187 6.76 -12.51 -16.00
N THR A 188 8.01 -12.11 -16.20
CA THR A 188 9.14 -13.04 -16.21
C THR A 188 10.12 -12.65 -15.10
N HIS A 189 10.38 -13.58 -14.19
CA HIS A 189 11.33 -13.38 -13.11
C HIS A 189 12.61 -14.15 -13.40
N PHE A 190 13.75 -13.52 -13.13
CA PHE A 190 15.04 -14.19 -13.23
C PHE A 190 16.07 -13.37 -12.48
N THR A 191 17.11 -14.04 -12.02
CA THR A 191 18.20 -13.41 -11.29
C THR A 191 19.43 -13.38 -12.18
N PHE A 192 20.06 -12.22 -12.28
CA PHE A 192 21.28 -12.04 -13.07
C PHE A 192 22.26 -11.19 -12.28
N LYS A 193 23.39 -11.79 -11.89
CA LYS A 193 24.46 -11.09 -11.19
C LYS A 193 23.95 -10.40 -9.92
N ASN A 194 23.32 -11.19 -9.06
CA ASN A 194 22.79 -10.74 -7.77
C ASN A 194 21.70 -9.69 -7.94
N LEU A 195 21.13 -9.56 -9.13
CA LEU A 195 20.04 -8.62 -9.39
C LEU A 195 18.85 -9.41 -9.89
N HIS A 196 17.68 -9.18 -9.29
CA HIS A 196 16.47 -9.88 -9.64
C HIS A 196 15.60 -8.98 -10.52
N PHE A 197 15.44 -9.38 -11.78
CA PHE A 197 14.69 -8.60 -12.77
C PHE A 197 13.27 -9.11 -12.89
N ARG A 198 12.35 -8.20 -13.21
CA ARG A 198 10.96 -8.54 -13.50
C ARG A 198 10.61 -7.95 -14.85
N LEU A 199 10.43 -8.80 -15.86
CA LEU A 199 10.08 -8.36 -17.20
C LEU A 199 8.57 -8.46 -17.37
N PHE A 200 7.92 -7.33 -17.59
CA PHE A 200 6.49 -7.29 -17.81
C PHE A 200 6.22 -7.20 -19.31
N ASP A 201 6.08 -8.34 -19.95
CA ASP A 201 5.68 -8.40 -21.36
C ASP A 201 4.18 -8.16 -21.40
N VAL A 202 3.78 -7.04 -22.00
CA VAL A 202 2.40 -6.57 -21.94
C VAL A 202 1.83 -6.35 -23.34
N GLY A 203 2.57 -6.78 -24.38
CA GLY A 203 2.10 -6.61 -25.74
C GLY A 203 0.79 -7.31 -26.04
N ALA A 204 0.44 -8.35 -25.27
CA ALA A 204 -0.82 -9.04 -25.47
C ALA A 204 -2.03 -8.16 -25.15
N GLN A 205 -1.82 -7.03 -24.45
CA GLN A 205 -2.90 -6.10 -24.16
C GLN A 205 -3.21 -5.30 -25.41
N ARG A 206 -4.06 -5.84 -26.26
CA ARG A 206 -4.41 -5.21 -27.54
C ARG A 206 -5.50 -4.15 -27.36
N SER A 207 -5.24 -3.19 -26.47
CA SER A 207 -6.19 -2.11 -26.20
C SER A 207 -5.39 -0.81 -26.12
N GLU A 208 -6.05 0.26 -25.66
CA GLU A 208 -5.38 1.54 -25.54
C GLU A 208 -4.38 1.50 -24.38
N ARG A 209 -3.15 1.91 -24.66
CA ARG A 209 -2.08 1.77 -23.68
C ARG A 209 -2.27 2.70 -22.49
N LYS A 210 -2.79 3.91 -22.72
CA LYS A 210 -2.88 4.88 -21.64
C LYS A 210 -3.82 4.43 -20.54
N LYS A 211 -4.67 3.44 -20.79
CA LYS A 211 -5.57 2.93 -19.77
C LYS A 211 -4.90 1.93 -18.85
N TRP A 212 -3.68 1.50 -19.17
CA TRP A 212 -2.93 0.56 -18.34
C TRP A 212 -1.46 0.89 -18.22
N ILE A 213 -1.01 2.00 -18.83
CA ILE A 213 0.42 2.32 -18.81
C ILE A 213 0.84 2.94 -17.49
N HIS A 214 -0.10 3.45 -16.71
CA HIS A 214 0.20 4.01 -15.40
C HIS A 214 0.52 2.93 -14.37
N CYS A 215 0.14 1.67 -14.65
CA CYS A 215 0.53 0.57 -13.76
C CYS A 215 2.04 0.41 -13.70
N PHE A 216 2.73 0.72 -14.80
CA PHE A 216 4.17 0.63 -14.89
C PHE A 216 4.85 1.98 -14.69
N GLU A 217 4.30 2.82 -13.82
CA GLU A 217 4.92 4.11 -13.54
C GLU A 217 6.24 3.94 -12.82
N ASP A 218 6.42 2.84 -12.08
CA ASP A 218 7.58 2.64 -11.21
C ASP A 218 8.58 1.65 -11.79
N VAL A 219 8.63 1.51 -13.11
CA VAL A 219 9.58 0.60 -13.73
C VAL A 219 10.96 1.27 -13.79
N THR A 220 12.00 0.46 -13.60
CA THR A 220 13.36 0.98 -13.70
C THR A 220 13.67 1.45 -15.11
N ALA A 221 13.28 0.66 -16.12
CA ALA A 221 13.54 1.01 -17.50
C ALA A 221 12.53 0.30 -18.39
N ILE A 222 12.41 0.79 -19.61
CA ILE A 222 11.56 0.18 -20.62
C ILE A 222 12.46 -0.49 -21.65
N ILE A 223 12.27 -1.78 -21.87
CA ILE A 223 13.05 -2.52 -22.85
C ILE A 223 12.25 -2.52 -24.15
N PHE A 224 12.48 -1.51 -24.98
CA PHE A 224 11.78 -1.35 -26.24
C PHE A 224 12.45 -2.21 -27.29
N CYS A 225 11.66 -2.98 -28.02
CA CYS A 225 12.15 -3.82 -29.10
C CYS A 225 11.74 -3.21 -30.44
N VAL A 226 12.72 -3.08 -31.34
CA VAL A 226 12.48 -2.53 -32.67
C VAL A 226 13.11 -3.45 -33.69
N ALA A 227 12.28 -3.95 -34.62
CA ALA A 227 12.78 -4.81 -35.69
C ALA A 227 13.44 -3.96 -36.76
N LEU A 228 14.75 -4.11 -36.92
CA LEU A 228 15.45 -3.39 -37.98
C LEU A 228 14.95 -3.80 -39.35
N SER A 229 14.63 -5.08 -39.52
CA SER A 229 14.07 -5.57 -40.78
C SER A 229 12.58 -5.27 -40.82
N GLY A 230 12.21 -4.00 -40.68
CA GLY A 230 10.81 -3.60 -40.71
C GLY A 230 10.58 -2.40 -41.61
N TYR A 231 11.66 -1.79 -42.07
CA TYR A 231 11.53 -0.64 -42.97
C TYR A 231 10.96 -1.05 -44.32
N ASP A 232 11.12 -2.33 -44.69
CA ASP A 232 10.66 -2.82 -45.98
C ASP A 232 9.27 -3.47 -45.89
N GLN A 233 8.65 -3.43 -44.71
CA GLN A 233 7.32 -4.01 -44.51
C GLN A 233 6.36 -2.92 -44.09
N VAL A 234 5.22 -2.83 -44.76
CA VAL A 234 4.21 -1.81 -44.50
C VAL A 234 3.03 -2.49 -43.83
N ASN A 242 3.52 1.60 -42.41
CA ASN A 242 4.85 1.04 -42.20
C ASN A 242 5.00 0.48 -40.79
N ARG A 243 5.63 -0.68 -40.69
CA ARG A 243 5.87 -1.30 -39.39
C ARG A 243 6.75 -0.42 -38.52
N MET A 244 7.91 -0.02 -39.05
CA MET A 244 8.90 0.66 -38.22
C MET A 244 8.54 2.11 -37.97
N HIS A 245 7.77 2.75 -38.86
CA HIS A 245 7.26 4.08 -38.54
C HIS A 245 6.23 4.03 -37.42
N ALA A 246 5.40 2.99 -37.39
CA ALA A 246 4.51 2.77 -36.26
C ALA A 246 5.32 2.53 -34.99
N SER A 247 6.41 1.77 -35.09
CA SER A 247 7.29 1.58 -33.95
C SER A 247 7.89 2.90 -33.47
N LEU A 248 8.26 3.78 -34.42
CA LEU A 248 8.80 5.08 -34.05
C LEU A 248 7.76 5.96 -33.37
N LYS A 249 6.52 5.93 -33.86
CA LYS A 249 5.46 6.69 -33.20
C LYS A 249 5.21 6.17 -31.79
N LEU A 250 5.19 4.85 -31.62
CA LEU A 250 5.04 4.27 -30.29
C LEU A 250 6.21 4.64 -29.39
N PHE A 251 7.43 4.66 -29.96
CA PHE A 251 8.60 5.05 -29.19
C PHE A 251 8.51 6.51 -28.74
N ASP A 252 8.03 7.39 -29.62
CA ASP A 252 7.83 8.78 -29.24
C ASP A 252 6.81 8.91 -28.13
N SER A 253 5.71 8.16 -28.22
CA SER A 253 4.70 8.20 -27.16
C SER A 253 5.27 7.70 -25.84
N ILE A 254 6.06 6.61 -25.89
CA ILE A 254 6.65 6.06 -24.67
C ILE A 254 7.63 7.04 -24.05
N CYS A 255 8.45 7.70 -24.88
CA CYS A 255 9.39 8.68 -24.37
C CYS A 255 8.68 9.87 -23.73
N ASN A 256 7.68 10.42 -24.42
CA ASN A 256 7.03 11.65 -24.00
C ASN A 256 5.85 11.40 -23.06
N ASN A 257 5.63 10.16 -22.64
CA ASN A 257 4.54 9.87 -21.71
C ASN A 257 4.81 10.56 -20.38
N LYS A 258 3.74 11.05 -19.76
CA LYS A 258 3.88 11.76 -18.49
C LYS A 258 4.37 10.87 -17.36
N PHE A 259 4.23 9.55 -17.50
CA PHE A 259 4.70 8.62 -16.47
C PHE A 259 6.12 8.16 -16.69
N PHE A 260 6.71 8.47 -17.85
CA PHE A 260 8.06 8.07 -18.20
C PHE A 260 8.93 9.28 -18.48
N ILE A 261 8.81 10.30 -17.64
CA ILE A 261 9.61 11.50 -17.81
C ILE A 261 11.08 11.20 -17.56
N ASP A 262 11.37 10.47 -16.49
CA ASP A 262 12.74 10.13 -16.11
C ASP A 262 13.03 8.64 -16.19
N THR A 263 12.17 7.89 -16.88
CA THR A 263 12.35 6.44 -17.00
C THR A 263 13.17 6.15 -18.25
N SER A 264 14.33 5.55 -18.05
CA SER A 264 15.21 5.23 -19.17
C SER A 264 14.60 4.17 -20.06
N ILE A 265 15.16 4.03 -21.26
CA ILE A 265 14.69 3.06 -22.24
C ILE A 265 15.88 2.28 -22.74
N ILE A 266 15.80 0.95 -22.67
CA ILE A 266 16.83 0.07 -23.21
C ILE A 266 16.34 -0.36 -24.59
N LEU A 267 16.66 0.45 -25.59
CA LEU A 267 16.24 0.15 -26.95
C LEU A 267 17.04 -1.02 -27.49
N PHE A 268 16.35 -1.97 -28.13
CA PHE A 268 16.99 -3.09 -28.78
C PHE A 268 16.66 -3.05 -30.26
N LEU A 269 17.66 -3.18 -31.12
CA LEU A 269 17.48 -3.19 -32.56
C LEU A 269 17.52 -4.65 -33.00
N ASN A 270 16.37 -5.19 -33.35
CA ASN A 270 16.20 -6.61 -33.56
C ASN A 270 16.45 -7.01 -35.01
N LYS A 271 16.81 -8.28 -35.21
CA LYS A 271 16.99 -8.89 -36.52
C LYS A 271 17.94 -8.08 -37.40
N LYS A 272 19.10 -7.72 -36.83
CA LYS A 272 20.05 -6.89 -37.57
C LYS A 272 20.69 -7.66 -38.72
N ASP A 273 20.75 -8.99 -38.63
CA ASP A 273 21.31 -9.77 -39.73
C ASP A 273 20.41 -9.75 -40.96
N LEU A 274 19.10 -9.97 -40.77
CA LEU A 274 18.18 -9.83 -41.89
C LEU A 274 18.14 -8.40 -42.41
N PHE A 275 18.33 -7.42 -41.51
CA PHE A 275 18.42 -6.03 -41.95
C PHE A 275 19.62 -5.83 -42.86
N GLY A 276 20.75 -6.43 -42.51
CA GLY A 276 21.91 -6.35 -43.39
C GLY A 276 21.69 -7.04 -44.72
N GLU A 277 21.00 -8.18 -44.69
CA GLU A 277 20.69 -8.88 -45.93
C GLU A 277 19.80 -8.03 -46.83
N LYS A 278 18.85 -7.31 -46.25
CA LYS A 278 17.86 -6.52 -46.99
C LYS A 278 18.32 -5.10 -47.29
N ILE A 279 19.39 -4.62 -46.66
CA ILE A 279 19.76 -3.22 -46.80
C ILE A 279 20.72 -2.99 -47.96
N LYS A 280 21.45 -4.02 -48.39
CA LYS A 280 22.32 -3.88 -49.55
C LYS A 280 21.51 -3.70 -50.83
N LYS A 281 20.43 -4.47 -50.99
CA LYS A 281 19.60 -4.36 -52.18
C LYS A 281 18.68 -3.14 -52.11
N SER A 282 17.80 -3.11 -51.11
CA SER A 282 16.89 -1.98 -50.98
C SER A 282 17.50 -0.91 -50.08
N PRO A 283 17.54 0.34 -50.55
CA PRO A 283 18.13 1.41 -49.75
C PRO A 283 17.19 1.88 -48.66
N LEU A 284 17.76 2.57 -47.67
CA LEU A 284 16.99 3.06 -46.54
C LEU A 284 16.25 4.34 -46.92
N THR A 285 15.39 4.26 -47.93
CA THR A 285 14.57 5.39 -48.36
C THR A 285 13.08 5.16 -48.19
N ILE A 286 12.63 3.90 -48.12
CA ILE A 286 11.21 3.62 -47.89
C ILE A 286 10.78 4.14 -46.52
N CYS A 287 11.60 3.93 -45.50
CA CYS A 287 11.30 4.44 -44.16
C CYS A 287 11.71 5.90 -44.01
N PHE A 288 12.89 6.26 -44.51
CA PHE A 288 13.38 7.63 -44.44
C PHE A 288 13.65 8.17 -45.83
N PRO A 289 12.70 8.85 -46.47
CA PRO A 289 13.02 9.59 -47.69
C PRO A 289 14.07 10.67 -47.45
N GLU A 290 14.15 11.20 -46.24
CA GLU A 290 15.12 12.23 -45.88
C GLU A 290 16.45 11.65 -45.42
N TYR A 291 16.72 10.37 -45.67
CA TYR A 291 17.98 9.75 -45.28
C TYR A 291 19.16 10.45 -45.94
N THR A 292 19.22 10.39 -47.27
CA THR A 292 20.25 11.07 -48.06
C THR A 292 21.65 10.73 -47.55
N GLY A 293 21.86 9.45 -47.26
CA GLY A 293 23.13 8.99 -46.74
C GLY A 293 23.63 7.75 -47.44
N PRO A 294 24.78 7.23 -46.99
CA PRO A 294 25.31 6.01 -47.60
C PRO A 294 24.38 4.83 -47.43
N ASN A 295 24.34 3.97 -48.44
CA ASN A 295 23.51 2.77 -48.42
C ASN A 295 24.16 1.63 -47.63
N THR A 296 25.22 1.92 -46.89
CA THR A 296 25.93 0.89 -46.14
C THR A 296 25.16 0.46 -44.90
N TYR A 297 25.45 -0.76 -44.47
CA TYR A 297 24.84 -1.33 -43.26
C TYR A 297 25.07 -0.46 -42.03
N GLU A 298 26.33 -0.11 -41.77
CA GLU A 298 26.63 0.61 -40.54
C GLU A 298 25.96 1.98 -40.52
N ASP A 299 26.01 2.69 -41.65
CA ASP A 299 25.39 4.01 -41.71
C ASP A 299 23.87 3.92 -41.60
N ALA A 300 23.26 2.92 -42.25
CA ALA A 300 21.81 2.80 -42.16
C ALA A 300 21.37 2.45 -40.74
N ALA A 301 22.04 1.50 -40.11
CA ALA A 301 21.69 1.12 -38.74
C ALA A 301 21.90 2.30 -37.79
N ALA A 302 23.00 3.02 -37.94
CA ALA A 302 23.26 4.17 -37.09
C ALA A 302 22.22 5.26 -37.32
N TYR A 303 21.78 5.44 -38.57
CA TYR A 303 20.76 6.45 -38.85
C TYR A 303 19.44 6.08 -38.17
N ILE A 304 19.03 4.81 -38.26
CA ILE A 304 17.80 4.39 -37.60
C ILE A 304 17.93 4.59 -36.09
N GLN A 305 19.04 4.15 -35.52
CA GLN A 305 19.23 4.28 -34.08
C GLN A 305 19.20 5.74 -33.66
N ALA A 306 19.88 6.61 -34.41
CA ALA A 306 19.94 8.03 -34.05
C ALA A 306 18.58 8.68 -34.17
N GLN A 307 17.82 8.32 -35.20
CA GLN A 307 16.43 8.78 -35.27
C GLN A 307 15.65 8.34 -34.05
N PHE A 308 16.01 7.18 -33.49
CA PHE A 308 15.34 6.74 -32.26
C PHE A 308 15.76 7.58 -31.05
N GLU A 309 17.06 7.83 -30.87
CA GLU A 309 17.41 8.72 -29.74
C GLU A 309 16.88 10.13 -29.93
N SER A 310 16.53 10.52 -31.16
CA SER A 310 16.03 11.86 -31.40
C SER A 310 14.74 12.16 -30.64
N LYS A 311 13.99 11.14 -30.23
CA LYS A 311 12.75 11.32 -29.50
C LYS A 311 12.94 11.44 -27.99
N ASN A 312 14.17 11.30 -27.50
CA ASN A 312 14.41 11.26 -26.06
C ASN A 312 14.01 12.59 -25.42
N ARG A 313 14.56 13.70 -25.95
CA ARG A 313 14.26 15.07 -25.53
C ARG A 313 14.06 15.19 -24.02
N SER A 314 15.01 14.66 -23.26
CA SER A 314 14.94 14.70 -21.80
C SER A 314 16.33 14.61 -21.19
N PRO A 315 16.58 15.38 -20.13
CA PRO A 315 17.91 15.34 -19.50
C PRO A 315 18.07 14.21 -18.49
N ASN A 316 16.95 13.77 -17.90
CA ASN A 316 16.98 12.74 -16.88
C ASN A 316 16.67 11.34 -17.43
N LYS A 317 16.59 11.19 -18.74
CA LYS A 317 16.26 9.92 -19.37
C LYS A 317 17.27 9.63 -20.47
N GLU A 318 17.76 8.40 -20.51
CA GLU A 318 18.77 7.98 -21.47
C GLU A 318 18.31 6.73 -22.19
N ILE A 319 18.76 6.55 -23.43
CA ILE A 319 18.39 5.42 -24.26
C ILE A 319 19.63 4.58 -24.53
N TYR A 320 19.63 3.34 -24.06
CA TYR A 320 20.78 2.46 -24.14
C TYR A 320 20.56 1.47 -25.29
N CYS A 321 20.82 1.92 -26.50
CA CYS A 321 20.56 1.12 -27.70
C CYS A 321 21.56 -0.03 -27.81
N HIS A 322 21.07 -1.16 -28.29
CA HIS A 322 21.90 -2.32 -28.60
C HIS A 322 21.41 -2.93 -29.91
N MET A 323 22.32 -3.53 -30.65
CA MET A 323 21.99 -4.17 -31.92
C MET A 323 22.02 -5.68 -31.73
N THR A 324 20.93 -6.35 -32.12
CA THR A 324 20.75 -7.77 -31.88
C THR A 324 20.54 -8.50 -33.19
N CYS A 325 21.11 -9.71 -33.27
CA CYS A 325 20.99 -10.53 -34.47
C CYS A 325 20.17 -11.79 -34.23
N SER A 326 19.51 -11.91 -33.08
CA SER A 326 18.69 -13.05 -32.67
C SER A 326 19.52 -14.29 -32.38
N THR A 327 20.84 -14.23 -32.55
CA THR A 327 21.72 -15.37 -32.27
C THR A 327 22.76 -15.04 -31.20
N ASP A 328 22.56 -13.95 -30.47
CA ASP A 328 23.49 -13.53 -29.42
C ASP A 328 22.88 -13.74 -28.05
N THR A 329 23.51 -14.60 -27.25
CA THR A 329 23.06 -14.89 -25.89
C THR A 329 23.77 -14.01 -24.86
N ASN A 330 23.74 -12.69 -25.09
CA ASN A 330 24.29 -11.75 -24.12
C ASN A 330 23.44 -10.50 -23.98
N ASN A 331 22.18 -10.53 -24.45
CA ASN A 331 21.34 -9.35 -24.40
C ASN A 331 20.94 -9.01 -22.97
N ILE A 332 20.80 -10.02 -22.11
CA ILE A 332 20.53 -9.75 -20.71
C ILE A 332 21.73 -9.07 -20.06
N GLN A 333 22.93 -9.32 -20.57
CA GLN A 333 24.08 -8.55 -20.10
C GLN A 333 23.95 -7.09 -20.44
N VAL A 334 23.42 -6.79 -21.64
CA VAL A 334 23.19 -5.39 -22.02
C VAL A 334 22.12 -4.77 -21.14
N VAL A 335 21.05 -5.53 -20.85
CA VAL A 335 20.01 -5.02 -19.96
C VAL A 335 20.57 -4.77 -18.56
N PHE A 336 21.43 -5.67 -18.08
CA PHE A 336 22.04 -5.52 -16.77
C PHE A 336 22.95 -4.29 -16.73
N ASP A 337 23.75 -4.09 -17.76
CA ASP A 337 24.60 -2.91 -17.82
C ASP A 337 23.76 -1.64 -17.85
N ALA A 338 22.70 -1.63 -18.64
CA ALA A 338 21.84 -0.45 -18.70
C ALA A 338 21.17 -0.18 -17.35
N VAL A 339 20.72 -1.24 -16.68
CA VAL A 339 20.06 -1.07 -15.39
C VAL A 339 21.06 -0.59 -14.33
N THR A 340 22.28 -1.12 -14.35
CA THR A 340 23.31 -0.66 -13.44
C THR A 340 23.62 0.81 -13.66
N ASP A 341 23.75 1.23 -14.92
CA ASP A 341 23.98 2.64 -15.22
C ASP A 341 22.79 3.49 -14.79
N ILE A 342 21.58 2.97 -14.93
CA ILE A 342 20.39 3.70 -14.48
C ILE A 342 20.43 3.92 -12.98
N ILE A 343 20.75 2.88 -12.22
CA ILE A 343 20.83 3.01 -10.76
C ILE A 343 21.92 3.99 -10.38
N ILE A 344 23.09 3.89 -11.02
CA ILE A 344 24.20 4.78 -10.69
C ILE A 344 23.83 6.22 -11.01
N ALA A 345 23.18 6.46 -12.15
CA ALA A 345 22.78 7.81 -12.51
C ALA A 345 21.73 8.36 -11.56
N ASN A 346 20.79 7.52 -11.13
CA ASN A 346 19.81 7.97 -10.14
C ASN A 346 20.48 8.33 -8.83
N ASN A 347 21.44 7.52 -8.39
CA ASN A 347 22.16 7.82 -7.16
C ASN A 347 22.96 9.11 -7.28
N LEU A 348 23.60 9.32 -8.43
CA LEU A 348 24.33 10.56 -8.66
C LEU A 348 23.41 11.75 -8.68
N ARG A 349 22.23 11.60 -9.26
CA ARG A 349 21.24 12.68 -9.25
C ARG A 349 20.77 12.97 -7.83
N GLY A 350 20.65 11.94 -7.01
CA GLY A 350 20.31 12.16 -5.62
C GLY A 350 21.40 12.91 -4.87
N CYS A 351 22.66 12.64 -5.22
CA CYS A 351 23.80 13.36 -4.64
C CYS A 351 24.00 14.73 -5.25
N GLY A 352 23.29 15.06 -6.31
CA GLY A 352 23.53 16.30 -7.02
C GLY A 352 24.76 16.29 -7.89
N LEU A 353 25.21 15.11 -8.32
CA LEU A 353 26.45 14.95 -9.06
C LEU A 353 26.19 14.53 -10.50
N TYR A 354 24.98 14.78 -11.00
CA TYR A 354 24.59 14.34 -12.33
C TYR A 354 23.54 15.28 -12.92
N LEU B 25 -26.72 1.70 -44.38
CA LEU B 25 -27.16 1.40 -43.02
C LEU B 25 -26.71 2.48 -42.05
N ARG B 26 -25.59 3.13 -42.37
CA ARG B 26 -25.12 4.25 -41.56
C ARG B 26 -26.12 5.39 -41.57
N GLN B 27 -26.77 5.62 -42.72
CA GLN B 27 -27.80 6.65 -42.79
C GLN B 27 -28.97 6.32 -41.86
N GLU B 28 -29.42 5.07 -41.87
CA GLU B 28 -30.51 4.67 -40.98
C GLU B 28 -30.10 4.78 -39.51
N ALA B 29 -28.86 4.41 -39.19
CA ALA B 29 -28.38 4.53 -37.82
C ALA B 29 -28.36 6.00 -37.39
N GLU B 30 -27.90 6.89 -38.26
CA GLU B 30 -27.88 8.31 -37.93
C GLU B 30 -29.29 8.85 -37.79
N GLN B 31 -30.21 8.39 -38.63
CA GLN B 31 -31.61 8.81 -38.51
C GLN B 31 -32.20 8.37 -37.18
N LEU B 32 -31.92 7.14 -36.76
CA LEU B 32 -32.41 6.68 -35.46
C LEU B 32 -31.76 7.46 -34.32
N LYS B 33 -30.48 7.81 -34.45
CA LYS B 33 -29.82 8.62 -33.44
C LYS B 33 -30.46 10.00 -33.34
N ASN B 34 -30.79 10.61 -34.49
CA ASN B 34 -31.46 11.90 -34.47
C ASN B 34 -32.85 11.79 -33.88
N GLN B 35 -33.56 10.70 -34.15
CA GLN B 35 -34.87 10.49 -33.54
C GLN B 35 -34.74 10.37 -32.02
N ILE B 36 -33.71 9.66 -31.55
CA ILE B 36 -33.47 9.57 -30.11
C ILE B 36 -33.15 10.93 -29.53
N ARG B 37 -32.36 11.74 -30.24
CA ARG B 37 -32.06 13.08 -29.77
C ARG B 37 -33.31 13.94 -29.67
N ASP B 38 -34.18 13.85 -30.67
CA ASP B 38 -35.44 14.60 -30.63
C ASP B 38 -36.33 14.13 -29.49
N ALA B 39 -36.40 12.82 -29.25
CA ALA B 39 -37.17 12.30 -28.13
C ALA B 39 -36.60 12.77 -26.79
N ARG B 40 -35.27 12.80 -26.67
CA ARG B 40 -34.66 13.28 -25.44
C ARG B 40 -34.94 14.75 -25.21
N LYS B 41 -34.88 15.56 -26.27
CA LYS B 41 -35.19 16.98 -26.12
C LYS B 41 -36.68 17.20 -25.87
N ALA B 42 -37.52 16.26 -26.30
CA ALA B 42 -38.95 16.37 -26.00
C ALA B 42 -39.23 16.26 -24.51
N CYS B 43 -38.52 15.37 -23.81
CA CYS B 43 -38.72 15.17 -22.39
C CYS B 43 -37.98 16.19 -21.54
N ALA B 44 -37.19 17.07 -22.14
CA ALA B 44 -36.44 18.08 -21.41
C ALA B 44 -37.34 19.28 -21.11
N ASP B 45 -38.24 19.07 -20.14
CA ASP B 45 -39.15 20.15 -19.74
C ASP B 45 -38.44 21.17 -18.86
N ALA B 46 -37.98 20.74 -17.69
CA ALA B 46 -37.27 21.62 -16.77
C ALA B 46 -36.02 20.91 -16.29
N THR B 47 -34.87 21.59 -16.40
CA THR B 47 -33.62 20.99 -15.98
C THR B 47 -33.59 20.80 -14.47
N LEU B 48 -32.75 19.86 -14.03
CA LEU B 48 -32.61 19.59 -12.60
C LEU B 48 -32.19 20.85 -11.84
N SER B 49 -31.39 21.71 -12.48
CA SER B 49 -30.97 22.95 -11.84
C SER B 49 -32.14 23.92 -11.64
N GLN B 50 -33.12 23.89 -12.55
CA GLN B 50 -34.26 24.80 -12.41
C GLN B 50 -35.22 24.35 -11.32
N ILE B 51 -35.37 23.04 -11.13
CA ILE B 51 -36.28 22.54 -10.13
C ILE B 51 -35.64 22.50 -8.73
N THR B 52 -34.32 22.51 -8.66
CA THR B 52 -33.61 22.55 -7.39
C THR B 52 -32.98 23.92 -7.11
N ASN B 53 -33.57 24.99 -7.63
CA ASN B 53 -33.08 26.33 -7.32
C ASN B 53 -33.54 26.80 -5.94
N ASN B 54 -34.53 26.13 -5.35
CA ASN B 54 -35.14 26.59 -4.11
C ASN B 54 -34.81 25.72 -2.90
N ILE B 55 -34.28 24.51 -3.10
CA ILE B 55 -33.92 23.68 -1.97
C ILE B 55 -32.72 24.29 -1.25
N ASP B 56 -32.71 24.17 0.06
CA ASP B 56 -31.64 24.76 0.86
C ASP B 56 -30.35 23.98 0.64
N PRO B 57 -29.30 24.60 0.09
CA PRO B 57 -28.04 23.89 -0.10
C PRO B 57 -27.37 23.59 1.23
N VAL B 58 -26.79 22.40 1.32
CA VAL B 58 -25.95 22.08 2.47
C VAL B 58 -24.65 22.86 2.35
N GLY B 59 -24.30 23.58 3.41
CA GLY B 59 -23.27 24.59 3.32
C GLY B 59 -21.89 24.08 2.97
N ARG B 60 -21.27 23.34 3.87
CA ARG B 60 -19.91 22.83 3.64
C ARG B 60 -19.84 21.44 4.27
N ILE B 61 -20.01 20.42 3.43
CA ILE B 61 -19.96 19.04 3.89
C ILE B 61 -18.51 18.69 4.17
N GLN B 62 -18.12 18.73 5.43
CA GLN B 62 -16.73 18.59 5.85
C GLN B 62 -16.55 17.26 6.58
N MET B 63 -16.23 16.20 5.84
CA MET B 63 -15.75 15.00 6.46
C MET B 63 -14.31 15.19 6.96
N ARG B 64 -13.92 14.31 7.88
CA ARG B 64 -12.60 14.35 8.48
C ARG B 64 -12.05 12.93 8.55
N THR B 65 -10.77 12.78 8.26
CA THR B 65 -10.13 11.47 8.23
C THR B 65 -10.21 10.83 9.60
N ARG B 66 -11.00 9.78 9.73
CA ARG B 66 -11.14 9.11 11.01
C ARG B 66 -10.12 7.98 11.16
N ARG B 67 -9.94 7.19 10.12
CA ARG B 67 -8.94 6.13 10.10
C ARG B 67 -8.10 6.25 8.85
N THR B 68 -6.82 5.95 8.97
CA THR B 68 -5.93 5.83 7.83
C THR B 68 -5.40 4.41 7.80
N LEU B 69 -5.67 3.71 6.71
CA LEU B 69 -5.35 2.29 6.61
C LEU B 69 -4.01 2.14 5.91
N ARG B 70 -2.97 1.86 6.70
CA ARG B 70 -1.61 1.75 6.20
C ARG B 70 -1.23 0.27 6.16
N GLY B 71 -0.44 -0.11 5.15
CA GLY B 71 -0.05 -1.49 4.99
C GLY B 71 0.06 -1.88 3.53
N HIS B 72 -0.50 -1.07 2.65
CA HIS B 72 -0.27 -1.21 1.22
C HIS B 72 1.03 -0.52 0.86
N LEU B 73 1.86 -1.21 0.09
CA LEU B 73 3.18 -0.71 -0.25
C LEU B 73 3.30 -0.37 -1.73
N ALA B 74 2.19 0.03 -2.34
CA ALA B 74 2.14 0.46 -3.73
C ALA B 74 0.86 1.24 -3.93
N LYS B 75 0.64 1.74 -5.14
CA LYS B 75 -0.54 2.52 -5.42
C LYS B 75 -1.79 1.66 -5.32
N ILE B 76 -2.82 2.18 -4.68
CA ILE B 76 -4.09 1.47 -4.53
C ILE B 76 -5.00 1.85 -5.69
N TYR B 77 -5.49 0.84 -6.41
CA TYR B 77 -6.36 1.05 -7.55
C TYR B 77 -7.84 0.85 -7.26
N ALA B 78 -8.18 0.00 -6.30
CA ALA B 78 -9.59 -0.23 -6.00
C ALA B 78 -9.76 -0.57 -4.53
N MET B 79 -10.94 -0.22 -4.02
CA MET B 79 -11.42 -0.70 -2.74
C MET B 79 -12.92 -0.92 -2.86
N HIS B 80 -13.45 -1.84 -2.06
CA HIS B 80 -14.89 -2.05 -2.04
C HIS B 80 -15.33 -2.32 -0.62
N TRP B 81 -16.35 -1.60 -0.18
CA TRP B 81 -16.89 -1.77 1.16
C TRP B 81 -17.65 -3.09 1.28
N GLY B 82 -17.64 -3.64 2.49
CA GLY B 82 -18.57 -4.71 2.80
C GLY B 82 -19.97 -4.21 3.05
N THR B 83 -20.94 -5.09 2.86
CA THR B 83 -22.32 -4.74 3.15
C THR B 83 -22.58 -4.55 4.64
N ASP B 84 -21.70 -5.07 5.49
CA ASP B 84 -21.80 -4.79 6.91
C ASP B 84 -21.25 -3.41 7.26
N SER B 85 -20.73 -2.68 6.29
CA SER B 85 -20.26 -1.31 6.44
C SER B 85 -19.09 -1.20 7.40
N ARG B 86 -18.42 -2.31 7.68
CA ARG B 86 -17.27 -2.33 8.58
C ARG B 86 -16.02 -2.90 7.92
N LEU B 87 -16.16 -3.97 7.15
CA LEU B 87 -15.05 -4.56 6.45
C LEU B 87 -14.94 -3.98 5.04
N LEU B 88 -13.71 -3.77 4.60
CA LEU B 88 -13.46 -3.31 3.25
C LEU B 88 -12.23 -4.04 2.71
N VAL B 89 -12.21 -4.24 1.41
CA VAL B 89 -11.09 -4.87 0.72
C VAL B 89 -10.43 -3.81 -0.16
N SER B 90 -9.11 -3.83 -0.20
CA SER B 90 -8.35 -2.89 -1.02
C SER B 90 -7.38 -3.65 -1.90
N ALA B 91 -7.26 -3.20 -3.15
CA ALA B 91 -6.37 -3.79 -4.13
C ALA B 91 -5.26 -2.80 -4.44
N SER B 92 -4.02 -3.29 -4.48
CA SER B 92 -2.88 -2.44 -4.73
C SER B 92 -1.86 -3.16 -5.58
N GLN B 93 -0.94 -2.39 -6.16
CA GLN B 93 0.05 -2.95 -7.08
C GLN B 93 1.07 -3.85 -6.42
N ASP B 94 1.15 -3.87 -5.09
CA ASP B 94 2.11 -4.73 -4.42
C ASP B 94 1.69 -6.20 -4.42
N GLY B 95 0.66 -6.55 -5.19
CA GLY B 95 0.22 -7.92 -5.28
C GLY B 95 -0.56 -8.42 -4.09
N LYS B 96 -1.10 -7.53 -3.26
CA LYS B 96 -1.81 -7.90 -2.05
C LYS B 96 -3.24 -7.37 -2.09
N LEU B 97 -4.18 -8.24 -1.75
CA LEU B 97 -5.56 -7.87 -1.49
C LEU B 97 -5.74 -7.92 0.01
N ILE B 98 -5.97 -6.77 0.65
CA ILE B 98 -6.04 -6.68 2.10
C ILE B 98 -7.48 -6.39 2.49
N ILE B 99 -8.00 -7.16 3.43
CA ILE B 99 -9.31 -6.91 4.03
C ILE B 99 -9.08 -6.20 5.36
N TRP B 100 -9.70 -5.05 5.53
CA TRP B 100 -9.49 -4.21 6.70
C TRP B 100 -10.73 -4.24 7.58
N ASP B 101 -10.51 -4.21 8.88
CA ASP B 101 -11.55 -3.87 9.85
C ASP B 101 -11.48 -2.35 10.00
N SER B 102 -12.33 -1.65 9.24
CA SER B 102 -12.22 -0.19 9.19
C SER B 102 -12.45 0.47 10.55
N TYR B 103 -13.22 -0.15 11.43
CA TYR B 103 -13.41 0.42 12.76
C TYR B 103 -12.11 0.45 13.54
N THR B 104 -11.39 -0.67 13.58
CA THR B 104 -10.17 -0.81 14.35
C THR B 104 -8.90 -0.75 13.52
N THR B 105 -9.02 -0.53 12.20
CA THR B 105 -7.89 -0.55 11.26
C THR B 105 -7.17 -1.89 11.24
N ASN B 106 -7.75 -2.92 11.83
CA ASN B 106 -7.14 -4.24 11.84
C ASN B 106 -7.22 -4.88 10.46
N LYS B 107 -6.14 -5.53 10.07
CA LYS B 107 -6.09 -6.26 8.81
C LYS B 107 -6.65 -7.65 9.04
N VAL B 108 -7.88 -7.89 8.56
CA VAL B 108 -8.52 -9.17 8.73
C VAL B 108 -7.82 -10.23 7.90
N HIS B 109 -7.56 -9.92 6.63
CA HIS B 109 -6.87 -10.81 5.72
C HIS B 109 -5.85 -10.03 4.92
N ALA B 110 -4.82 -10.73 4.47
CA ALA B 110 -3.88 -10.22 3.46
C ALA B 110 -3.78 -11.32 2.41
N ILE B 111 -4.37 -11.07 1.24
CA ILE B 111 -4.48 -12.09 0.20
C ILE B 111 -3.39 -11.82 -0.84
N PRO B 112 -2.38 -12.68 -0.97
CA PRO B 112 -1.37 -12.49 -2.02
C PRO B 112 -1.94 -12.88 -3.38
N LEU B 113 -1.81 -11.98 -4.35
CA LEU B 113 -2.38 -12.22 -5.65
C LEU B 113 -1.34 -12.79 -6.61
N ARG B 114 -1.78 -13.76 -7.41
CA ARG B 114 -0.89 -14.37 -8.39
C ARG B 114 -0.44 -13.38 -9.44
N SER B 115 -1.32 -12.45 -9.82
CA SER B 115 -0.96 -11.33 -10.67
C SER B 115 -0.98 -10.06 -9.83
N SER B 116 0.17 -9.39 -9.76
CA SER B 116 0.27 -8.13 -9.03
C SER B 116 -0.43 -6.98 -9.75
N TRP B 117 -0.89 -7.20 -10.97
CA TRP B 117 -1.45 -6.17 -11.84
C TRP B 117 -2.95 -6.03 -11.65
N VAL B 118 -3.37 -5.85 -10.40
CA VAL B 118 -4.77 -5.77 -10.04
C VAL B 118 -5.22 -4.31 -10.09
N MET B 119 -6.28 -4.05 -10.84
CA MET B 119 -6.85 -2.72 -10.90
C MET B 119 -8.33 -2.68 -10.56
N THR B 120 -8.90 -3.77 -10.04
CA THR B 120 -10.25 -3.77 -9.54
C THR B 120 -10.38 -4.81 -8.44
N CYS B 121 -11.32 -4.56 -7.53
CA CYS B 121 -11.64 -5.51 -6.49
C CYS B 121 -13.11 -5.34 -6.14
N ALA B 122 -13.75 -6.43 -5.73
CA ALA B 122 -15.14 -6.42 -5.31
C ALA B 122 -15.28 -7.32 -4.11
N TYR B 123 -16.14 -6.94 -3.17
CA TYR B 123 -16.37 -7.71 -1.97
C TYR B 123 -17.79 -8.25 -2.06
N ALA B 124 -17.95 -9.56 -1.85
CA ALA B 124 -19.25 -10.17 -2.07
C ALA B 124 -20.29 -9.58 -1.12
N PRO B 125 -21.55 -9.46 -1.53
CA PRO B 125 -22.58 -8.94 -0.61
C PRO B 125 -22.73 -9.80 0.62
N SER B 126 -22.60 -11.11 0.51
CA SER B 126 -22.57 -11.98 1.67
C SER B 126 -21.32 -11.78 2.51
N GLY B 127 -20.21 -11.45 1.88
CA GLY B 127 -18.94 -11.34 2.55
C GLY B 127 -18.10 -12.59 2.51
N ASN B 128 -18.62 -13.67 1.92
CA ASN B 128 -17.88 -14.92 1.86
C ASN B 128 -16.81 -14.93 0.78
N TYR B 129 -16.92 -14.03 -0.20
CA TYR B 129 -16.01 -14.02 -1.33
C TYR B 129 -15.49 -12.61 -1.56
N VAL B 130 -14.34 -12.54 -2.19
CA VAL B 130 -13.79 -11.29 -2.70
C VAL B 130 -13.22 -11.58 -4.08
N ALA B 131 -13.36 -10.62 -4.99
CA ALA B 131 -12.88 -10.76 -6.34
C ALA B 131 -11.84 -9.70 -6.65
N CYS B 132 -10.92 -10.03 -7.55
CA CYS B 132 -9.94 -9.07 -8.01
C CYS B 132 -9.57 -9.41 -9.45
N GLY B 133 -9.05 -8.43 -10.15
CA GLY B 133 -8.64 -8.64 -11.53
C GLY B 133 -7.88 -7.43 -12.01
N GLY B 134 -7.36 -7.55 -13.22
CA GLY B 134 -6.59 -6.49 -13.81
C GLY B 134 -5.98 -6.89 -15.13
N LEU B 135 -4.69 -6.59 -15.31
CA LEU B 135 -4.02 -6.84 -16.58
C LEU B 135 -3.96 -8.31 -16.95
N ASP B 136 -4.18 -9.23 -16.00
CA ASP B 136 -4.14 -10.65 -16.32
C ASP B 136 -5.42 -11.13 -17.00
N ASN B 137 -6.39 -10.24 -17.23
CA ASN B 137 -7.64 -10.53 -17.93
C ASN B 137 -8.50 -11.57 -17.21
N ILE B 138 -8.19 -11.86 -15.94
CA ILE B 138 -8.86 -12.90 -15.19
C ILE B 138 -9.45 -12.30 -13.93
N CYS B 139 -10.70 -12.65 -13.63
CA CYS B 139 -11.32 -12.35 -12.34
C CYS B 139 -11.05 -13.53 -11.44
N SER B 140 -10.36 -13.27 -10.32
CA SER B 140 -10.08 -14.31 -9.34
C SER B 140 -11.02 -14.15 -8.17
N ILE B 141 -11.86 -15.15 -7.94
CA ILE B 141 -12.77 -15.17 -6.80
C ILE B 141 -12.07 -15.87 -5.65
N TYR B 142 -12.03 -15.21 -4.50
CA TYR B 142 -11.31 -15.71 -3.34
C TYR B 142 -12.32 -16.11 -2.26
N ASN B 143 -12.21 -17.33 -1.78
CA ASN B 143 -13.08 -17.81 -0.71
C ASN B 143 -12.49 -17.36 0.62
N LEU B 144 -13.10 -16.35 1.23
CA LEU B 144 -12.63 -15.85 2.51
C LEU B 144 -12.95 -16.78 3.66
N LYS B 145 -14.07 -17.50 3.57
CA LYS B 145 -14.59 -18.28 4.69
C LYS B 145 -14.45 -19.75 4.30
N THR B 146 -13.28 -20.30 4.54
CA THR B 146 -12.95 -21.67 4.22
C THR B 146 -12.83 -22.49 5.50
N ARG B 147 -12.95 -23.81 5.35
CA ARG B 147 -12.74 -24.69 6.50
C ARG B 147 -11.32 -24.58 7.00
N GLU B 148 -10.35 -24.51 6.10
CA GLU B 148 -9.01 -24.08 6.44
C GLU B 148 -9.02 -22.58 6.74
N GLY B 149 -8.05 -22.12 7.50
CA GLY B 149 -8.05 -20.72 7.86
C GLY B 149 -7.44 -19.79 6.84
N ASN B 150 -7.11 -20.28 5.65
CA ASN B 150 -6.49 -19.45 4.62
C ASN B 150 -7.53 -19.04 3.58
N VAL B 151 -7.24 -17.94 2.90
CA VAL B 151 -8.05 -17.50 1.79
C VAL B 151 -7.46 -18.07 0.51
N ARG B 152 -8.28 -18.79 -0.26
CA ARG B 152 -7.82 -19.46 -1.47
C ARG B 152 -8.66 -19.01 -2.65
N VAL B 153 -8.07 -19.14 -3.84
CA VAL B 153 -8.75 -18.79 -5.07
C VAL B 153 -9.82 -19.86 -5.33
N SER B 154 -11.09 -19.51 -5.09
CA SER B 154 -12.14 -20.47 -5.35
C SER B 154 -12.37 -20.65 -6.84
N ARG B 155 -12.21 -19.59 -7.63
CA ARG B 155 -12.56 -19.62 -9.04
C ARG B 155 -11.82 -18.53 -9.78
N GLU B 156 -11.13 -18.90 -10.86
CA GLU B 156 -10.51 -17.95 -11.76
C GLU B 156 -11.37 -17.83 -13.02
N LEU B 157 -11.95 -16.67 -13.23
CA LEU B 157 -12.88 -16.43 -14.32
C LEU B 157 -12.11 -15.89 -15.52
N ALA B 158 -11.69 -16.79 -16.40
CA ALA B 158 -11.00 -16.41 -17.63
C ALA B 158 -11.99 -16.42 -18.78
N GLY B 159 -11.69 -15.62 -19.81
CA GLY B 159 -12.59 -15.49 -20.94
C GLY B 159 -12.63 -14.08 -21.48
N HIS B 160 -12.33 -13.10 -20.63
CA HIS B 160 -12.13 -11.74 -21.10
C HIS B 160 -10.81 -11.65 -21.86
N THR B 161 -10.83 -10.93 -22.98
CA THR B 161 -9.63 -10.75 -23.79
C THR B 161 -8.95 -9.41 -23.54
N GLY B 162 -9.42 -8.63 -22.55
CA GLY B 162 -8.74 -7.43 -22.14
C GLY B 162 -8.65 -7.39 -20.63
N TYR B 163 -7.92 -6.40 -20.13
CA TYR B 163 -7.78 -6.23 -18.69
C TYR B 163 -9.15 -6.00 -18.07
N LEU B 164 -9.35 -6.55 -16.87
CA LEU B 164 -10.59 -6.29 -16.15
C LEU B 164 -10.49 -4.94 -15.46
N SER B 165 -11.40 -4.04 -15.81
CA SER B 165 -11.43 -2.72 -15.20
C SER B 165 -12.37 -2.63 -14.01
N CYS B 166 -13.36 -3.52 -13.93
CA CYS B 166 -14.25 -3.56 -12.77
C CYS B 166 -14.89 -4.93 -12.69
N CYS B 167 -15.37 -5.26 -11.50
CA CYS B 167 -16.11 -6.49 -11.25
C CYS B 167 -17.04 -6.23 -10.09
N ARG B 168 -18.24 -6.81 -10.15
CA ARG B 168 -19.27 -6.56 -9.15
C ARG B 168 -20.11 -7.80 -8.97
N PHE B 169 -20.09 -8.35 -7.76
CA PHE B 169 -20.92 -9.51 -7.45
C PHE B 169 -22.39 -9.14 -7.49
N LEU B 170 -23.21 -9.96 -8.14
CA LEU B 170 -24.65 -9.89 -7.91
C LEU B 170 -25.03 -10.66 -6.66
N ASP B 171 -24.51 -11.87 -6.52
CA ASP B 171 -24.65 -12.68 -5.32
C ASP B 171 -23.40 -13.55 -5.20
N ASP B 172 -23.48 -14.57 -4.36
CA ASP B 172 -22.33 -15.45 -4.17
C ASP B 172 -21.91 -16.15 -5.45
N ASN B 173 -22.85 -16.37 -6.38
CA ASN B 173 -22.60 -17.16 -7.57
C ASN B 173 -22.57 -16.34 -8.86
N GLN B 174 -23.13 -15.14 -8.87
CA GLN B 174 -23.16 -14.31 -10.06
C GLN B 174 -22.24 -13.12 -9.85
N ILE B 175 -21.38 -12.86 -10.81
CA ILE B 175 -20.51 -11.68 -10.79
C ILE B 175 -20.50 -11.07 -12.19
N VAL B 176 -20.67 -9.76 -12.25
CA VAL B 176 -20.56 -9.02 -13.50
C VAL B 176 -19.20 -8.36 -13.55
N THR B 177 -18.46 -8.58 -14.63
CA THR B 177 -17.16 -7.97 -14.81
C THR B 177 -17.18 -7.11 -16.07
N SER B 178 -16.35 -6.08 -16.06
CA SER B 178 -16.12 -5.24 -17.22
C SER B 178 -14.66 -5.32 -17.61
N SER B 179 -14.38 -5.24 -18.90
CA SER B 179 -13.05 -5.50 -19.41
C SER B 179 -12.66 -4.45 -20.43
N GLY B 180 -11.38 -4.43 -20.76
CA GLY B 180 -10.85 -3.58 -21.82
C GLY B 180 -11.07 -4.10 -23.22
N ASP B 181 -11.71 -5.26 -23.37
CA ASP B 181 -12.10 -5.75 -24.67
C ASP B 181 -13.46 -5.22 -25.11
N THR B 182 -13.93 -4.14 -24.49
CA THR B 182 -15.18 -3.44 -24.78
C THR B 182 -16.41 -4.24 -24.43
N THR B 183 -16.29 -5.32 -23.66
CA THR B 183 -17.42 -6.14 -23.30
C THR B 183 -17.49 -6.33 -21.79
N CYS B 184 -18.72 -6.28 -21.27
CA CYS B 184 -19.03 -6.72 -19.93
C CYS B 184 -19.53 -8.15 -19.99
N ALA B 185 -19.28 -8.92 -18.93
CA ALA B 185 -19.66 -10.31 -18.91
C ALA B 185 -20.32 -10.65 -17.58
N LEU B 186 -21.26 -11.58 -17.62
CA LEU B 186 -21.86 -12.13 -16.42
C LEU B 186 -21.38 -13.57 -16.27
N TRP B 187 -20.87 -13.90 -15.09
CA TRP B 187 -20.21 -15.17 -14.86
C TRP B 187 -21.01 -16.00 -13.85
N ASP B 188 -21.14 -17.28 -14.16
CA ASP B 188 -21.59 -18.28 -13.19
C ASP B 188 -20.34 -18.83 -12.51
N ILE B 189 -20.13 -18.44 -11.25
CA ILE B 189 -18.84 -18.71 -10.60
C ILE B 189 -18.65 -20.20 -10.37
N GLU B 190 -19.71 -20.93 -10.04
CA GLU B 190 -19.57 -22.38 -9.84
C GLU B 190 -19.08 -23.07 -11.09
N THR B 191 -19.65 -22.72 -12.25
CA THR B 191 -19.20 -23.29 -13.50
C THR B 191 -18.03 -22.53 -14.11
N GLY B 192 -17.77 -21.31 -13.65
CA GLY B 192 -16.67 -20.53 -14.18
C GLY B 192 -16.88 -20.07 -15.60
N GLN B 193 -18.11 -20.12 -16.09
CA GLN B 193 -18.41 -19.82 -17.48
C GLN B 193 -19.23 -18.54 -17.58
N GLN B 194 -19.00 -17.78 -18.65
CA GLN B 194 -19.73 -16.56 -18.90
C GLN B 194 -21.19 -16.89 -19.18
N THR B 195 -22.06 -16.58 -18.22
CA THR B 195 -23.49 -16.76 -18.46
C THR B 195 -23.97 -15.84 -19.58
N THR B 196 -23.51 -14.60 -19.58
CA THR B 196 -23.91 -13.62 -20.58
C THR B 196 -22.71 -12.75 -20.91
N THR B 197 -22.67 -12.25 -22.14
CA THR B 197 -21.67 -11.29 -22.57
C THR B 197 -22.37 -10.04 -23.08
N PHE B 198 -21.98 -8.89 -22.57
CA PHE B 198 -22.67 -7.63 -22.86
C PHE B 198 -21.83 -6.85 -23.86
N THR B 199 -22.03 -7.15 -25.14
CA THR B 199 -21.36 -6.46 -26.22
C THR B 199 -22.17 -5.25 -26.65
N GLY B 200 -21.47 -4.25 -27.18
CA GLY B 200 -22.11 -3.04 -27.64
C GLY B 200 -21.28 -1.80 -27.38
N HIS B 201 -20.37 -1.90 -26.43
CA HIS B 201 -19.40 -0.84 -26.22
C HIS B 201 -18.32 -0.91 -27.29
N THR B 202 -17.83 0.25 -27.71
CA THR B 202 -16.76 0.30 -28.70
C THR B 202 -15.40 0.60 -28.08
N GLY B 203 -15.35 1.25 -26.92
CA GLY B 203 -14.12 1.45 -26.20
C GLY B 203 -14.04 0.57 -24.97
N ASP B 204 -12.88 0.60 -24.32
CA ASP B 204 -12.64 -0.23 -23.15
C ASP B 204 -13.60 0.16 -22.03
N VAL B 205 -14.39 -0.79 -21.57
CA VAL B 205 -15.31 -0.56 -20.47
C VAL B 205 -14.49 -0.38 -19.20
N MET B 206 -14.65 0.76 -18.54
CA MET B 206 -13.77 1.13 -17.45
C MET B 206 -14.38 0.94 -16.07
N SER B 207 -15.71 0.95 -15.95
CA SER B 207 -16.32 0.83 -14.64
C SER B 207 -17.69 0.18 -14.75
N LEU B 208 -18.16 -0.36 -13.63
CA LEU B 208 -19.50 -0.88 -13.49
C LEU B 208 -20.15 -0.30 -12.24
N SER B 209 -21.47 -0.33 -12.24
CA SER B 209 -22.26 -0.13 -11.04
C SER B 209 -23.53 -0.94 -11.21
N LEU B 210 -23.79 -1.85 -10.29
CA LEU B 210 -25.05 -2.57 -10.30
C LEU B 210 -26.15 -1.74 -9.67
N ALA B 211 -27.37 -1.94 -10.15
CA ALA B 211 -28.51 -1.33 -9.49
C ALA B 211 -28.62 -1.87 -8.07
N PRO B 212 -29.20 -1.11 -7.15
CA PRO B 212 -29.37 -1.64 -5.78
C PRO B 212 -30.14 -2.95 -5.76
N ASP B 213 -31.11 -3.10 -6.66
CA ASP B 213 -31.81 -4.36 -6.85
C ASP B 213 -31.06 -5.35 -7.74
N THR B 214 -29.95 -4.93 -8.35
CA THR B 214 -29.05 -5.78 -9.14
C THR B 214 -29.74 -6.49 -10.29
N ARG B 215 -30.88 -5.96 -10.76
CA ARG B 215 -31.52 -6.51 -11.94
C ARG B 215 -30.97 -5.91 -13.22
N LEU B 216 -30.15 -4.87 -13.14
CA LEU B 216 -29.58 -4.21 -14.29
C LEU B 216 -28.43 -3.35 -13.83
N PHE B 217 -27.52 -3.02 -14.74
CA PHE B 217 -26.32 -2.27 -14.38
C PHE B 217 -25.92 -1.35 -15.52
N VAL B 218 -25.17 -0.30 -15.16
CA VAL B 218 -24.61 0.65 -16.12
C VAL B 218 -23.11 0.44 -16.20
N SER B 219 -22.55 0.65 -17.38
CA SER B 219 -21.12 0.52 -17.58
C SER B 219 -20.63 1.70 -18.43
N GLY B 220 -19.65 2.42 -17.92
CA GLY B 220 -18.99 3.48 -18.65
C GLY B 220 -17.73 2.94 -19.32
N ALA B 221 -17.49 3.42 -20.53
CA ALA B 221 -16.36 2.94 -21.32
C ALA B 221 -15.61 4.13 -21.92
N CYS B 222 -14.52 3.82 -22.63
CA CYS B 222 -13.67 4.83 -23.22
C CYS B 222 -14.31 5.53 -24.40
N ASP B 223 -15.40 5.00 -24.95
CA ASP B 223 -16.10 5.68 -26.03
C ASP B 223 -16.95 6.84 -25.54
N ALA B 224 -16.74 7.27 -24.30
CA ALA B 224 -17.46 8.40 -23.69
C ALA B 224 -18.96 8.16 -23.64
N SER B 225 -19.37 6.91 -23.52
CA SER B 225 -20.78 6.56 -23.43
C SER B 225 -20.98 5.56 -22.30
N ALA B 226 -22.06 5.77 -21.54
CA ALA B 226 -22.50 4.86 -20.50
C ALA B 226 -23.73 4.13 -21.00
N LYS B 227 -23.71 2.80 -20.93
CA LYS B 227 -24.79 1.97 -21.43
C LYS B 227 -25.50 1.32 -20.27
N LEU B 228 -26.82 1.22 -20.36
CA LEU B 228 -27.62 0.53 -19.35
C LEU B 228 -27.89 -0.89 -19.83
N TRP B 229 -27.48 -1.87 -19.04
CA TRP B 229 -27.55 -3.27 -19.41
C TRP B 229 -28.57 -3.99 -18.54
N ASP B 230 -29.41 -4.80 -19.18
CA ASP B 230 -30.29 -5.69 -18.43
C ASP B 230 -29.57 -7.01 -18.21
N VAL B 231 -29.52 -7.46 -16.95
CA VAL B 231 -28.66 -8.57 -16.58
C VAL B 231 -29.11 -9.87 -17.25
N ARG B 232 -30.41 -10.13 -17.29
CA ARG B 232 -30.88 -11.45 -17.72
C ARG B 232 -30.77 -11.61 -19.24
N GLU B 233 -31.44 -10.74 -20.00
CA GLU B 233 -31.49 -10.92 -21.44
C GLU B 233 -30.19 -10.50 -22.11
N GLY B 234 -29.30 -9.82 -21.40
CA GLY B 234 -28.05 -9.39 -21.97
C GLY B 234 -28.18 -8.27 -22.98
N MET B 235 -29.24 -7.48 -22.89
CA MET B 235 -29.57 -6.46 -23.87
C MET B 235 -29.35 -5.08 -23.28
N CYS B 236 -28.70 -4.22 -24.07
CA CYS B 236 -28.43 -2.86 -23.64
C CYS B 236 -29.72 -2.05 -23.76
N ARG B 237 -30.33 -1.71 -22.63
CA ARG B 237 -31.60 -1.01 -22.67
C ARG B 237 -31.43 0.42 -23.15
N GLN B 238 -30.47 1.15 -22.60
CA GLN B 238 -30.27 2.55 -22.91
C GLN B 238 -28.78 2.84 -23.07
N THR B 239 -28.49 3.85 -23.87
CA THR B 239 -27.14 4.35 -24.05
C THR B 239 -27.12 5.83 -23.74
N PHE B 240 -26.19 6.24 -22.88
CA PHE B 240 -26.09 7.62 -22.43
C PHE B 240 -24.79 8.22 -22.92
N THR B 241 -24.90 9.30 -23.71
CA THR B 241 -23.74 9.94 -24.33
C THR B 241 -23.79 11.43 -23.97
N GLY B 242 -23.07 11.81 -22.92
CA GLY B 242 -22.97 13.21 -22.57
C GLY B 242 -21.53 13.67 -22.41
N HIS B 243 -20.62 12.71 -22.20
CA HIS B 243 -19.24 13.04 -21.91
C HIS B 243 -18.44 13.24 -23.18
N GLU B 244 -17.34 13.97 -23.06
CA GLU B 244 -16.43 14.20 -24.18
C GLU B 244 -15.21 13.30 -24.15
N SER B 245 -14.94 12.63 -23.03
CA SER B 245 -13.72 11.86 -22.90
C SER B 245 -14.02 10.55 -22.17
N ASP B 246 -12.96 9.81 -21.87
CA ASP B 246 -13.07 8.46 -21.33
C ASP B 246 -13.80 8.48 -19.99
N ILE B 247 -14.84 7.66 -19.87
CA ILE B 247 -15.56 7.54 -18.61
C ILE B 247 -14.82 6.56 -17.70
N ASN B 248 -14.32 7.06 -16.58
CA ASN B 248 -13.51 6.26 -15.67
C ASN B 248 -14.31 5.66 -14.52
N ALA B 249 -15.41 6.29 -14.12
CA ALA B 249 -16.17 5.87 -12.96
C ALA B 249 -17.66 6.00 -13.23
N ILE B 250 -18.45 5.13 -12.61
CA ILE B 250 -19.90 5.13 -12.77
C ILE B 250 -20.51 4.61 -11.47
N CYS B 251 -21.69 5.13 -11.14
CA CYS B 251 -22.34 4.78 -9.88
C CYS B 251 -23.83 5.11 -9.98
N PHE B 252 -24.68 4.13 -9.67
CA PHE B 252 -26.11 4.41 -9.54
C PHE B 252 -26.44 5.32 -8.37
N PHE B 253 -27.46 6.15 -8.58
CA PHE B 253 -28.14 6.83 -7.50
C PHE B 253 -28.75 5.78 -6.57
N PRO B 254 -28.88 6.09 -5.28
CA PRO B 254 -29.35 5.07 -4.34
C PRO B 254 -30.69 4.43 -4.67
N ASN B 255 -31.57 5.13 -5.38
CA ASN B 255 -32.88 4.57 -5.71
C ASN B 255 -32.85 3.72 -6.98
N GLY B 256 -31.73 3.68 -7.69
CA GLY B 256 -31.60 2.87 -8.88
C GLY B 256 -32.27 3.43 -10.12
N ASN B 257 -32.79 4.65 -10.07
CA ASN B 257 -33.42 5.28 -11.22
C ASN B 257 -32.52 6.32 -11.87
N ALA B 258 -31.28 6.44 -11.43
CA ALA B 258 -30.34 7.38 -12.01
C ALA B 258 -28.93 6.87 -11.74
N PHE B 259 -27.95 7.53 -12.33
CA PHE B 259 -26.57 7.20 -12.05
C PHE B 259 -25.68 8.39 -12.37
N ALA B 260 -24.44 8.33 -11.89
CA ALA B 260 -23.45 9.37 -12.11
C ALA B 260 -22.21 8.76 -12.73
N THR B 261 -21.65 9.45 -13.71
CA THR B 261 -20.45 9.03 -14.41
C THR B 261 -19.34 10.03 -14.19
N GLY B 262 -18.12 9.52 -14.12
CA GLY B 262 -16.96 10.38 -13.96
C GLY B 262 -15.93 10.14 -15.05
N SER B 263 -15.71 11.14 -15.88
CA SER B 263 -14.86 10.98 -17.06
C SER B 263 -13.60 11.83 -16.95
N ASP B 264 -12.71 11.64 -17.91
CA ASP B 264 -11.42 12.34 -17.92
C ASP B 264 -11.55 13.82 -18.24
N ASP B 265 -12.74 14.29 -18.64
CA ASP B 265 -12.94 15.70 -18.92
C ASP B 265 -13.32 16.49 -17.67
N ALA B 266 -12.99 15.97 -16.48
CA ALA B 266 -13.10 16.68 -15.21
C ALA B 266 -14.54 16.95 -14.81
N THR B 267 -15.51 16.29 -15.44
CA THR B 267 -16.91 16.54 -15.15
C THR B 267 -17.63 15.25 -14.81
N CYS B 268 -18.56 15.34 -13.88
CA CYS B 268 -19.52 14.29 -13.58
C CYS B 268 -20.86 14.65 -14.17
N ARG B 269 -21.64 13.64 -14.52
CA ARG B 269 -22.96 13.85 -15.10
C ARG B 269 -23.95 12.89 -14.46
N LEU B 270 -25.13 13.41 -14.16
CA LEU B 270 -26.20 12.63 -13.54
C LEU B 270 -27.22 12.29 -14.62
N PHE B 271 -27.22 11.04 -15.06
CA PHE B 271 -28.14 10.56 -16.09
C PHE B 271 -29.32 9.88 -15.41
N ASP B 272 -30.51 10.05 -15.97
CA ASP B 272 -31.67 9.33 -15.47
C ASP B 272 -31.98 8.15 -16.38
N LEU B 273 -32.33 7.02 -15.76
CA LEU B 273 -32.70 5.84 -16.54
C LEU B 273 -34.00 6.09 -17.30
N ARG B 274 -35.00 6.64 -16.61
CA ARG B 274 -36.31 6.84 -17.23
C ARG B 274 -36.29 8.01 -18.21
N ALA B 275 -35.65 9.12 -17.83
CA ALA B 275 -35.58 10.27 -18.71
C ALA B 275 -34.61 10.06 -19.86
N ASP B 276 -33.59 9.21 -19.69
CA ASP B 276 -32.66 8.83 -20.76
C ASP B 276 -31.85 10.03 -21.25
N GLN B 277 -31.39 10.86 -20.33
CA GLN B 277 -30.53 11.99 -20.67
C GLN B 277 -29.90 12.50 -19.37
N GLU B 278 -28.82 13.25 -19.51
CA GLU B 278 -28.16 13.83 -18.34
C GLU B 278 -29.08 14.85 -17.70
N LEU B 279 -29.14 14.82 -16.37
CA LEU B 279 -29.94 15.80 -15.63
C LEU B 279 -29.10 16.93 -15.07
N MET B 280 -27.92 16.64 -14.54
CA MET B 280 -27.09 17.67 -13.94
C MET B 280 -25.65 17.42 -14.39
N THR B 281 -24.86 18.49 -14.39
CA THR B 281 -23.44 18.42 -14.71
C THR B 281 -22.65 18.95 -13.52
N TYR B 282 -21.64 18.19 -13.11
CA TYR B 282 -20.81 18.50 -11.94
C TYR B 282 -19.42 18.86 -12.43
N SER B 283 -19.23 20.12 -12.82
CA SER B 283 -17.95 20.60 -13.31
C SER B 283 -17.63 21.93 -12.65
N HIS B 284 -16.35 22.14 -12.38
CA HIS B 284 -15.90 23.37 -11.77
C HIS B 284 -14.71 23.90 -12.55
N ASP B 285 -14.68 25.22 -12.75
CA ASP B 285 -13.62 25.84 -13.52
C ASP B 285 -12.24 25.59 -12.92
N ASN B 286 -12.15 25.43 -11.61
CA ASN B 286 -10.90 25.10 -10.95
C ASN B 286 -10.50 23.64 -11.16
N ILE B 287 -11.40 22.82 -11.71
CA ILE B 287 -11.16 21.40 -11.92
C ILE B 287 -10.91 21.17 -13.39
N ILE B 288 -9.72 20.65 -13.72
CA ILE B 288 -9.37 20.33 -15.10
C ILE B 288 -8.83 18.91 -15.15
N CYS B 289 -8.67 18.30 -13.98
CA CYS B 289 -8.13 16.95 -13.88
C CYS B 289 -9.25 15.92 -13.95
N GLY B 290 -8.89 14.73 -14.42
CA GLY B 290 -9.86 13.67 -14.59
C GLY B 290 -10.38 13.13 -13.28
N ILE B 291 -11.47 12.37 -13.38
CA ILE B 291 -12.16 11.81 -12.24
C ILE B 291 -11.94 10.30 -12.23
N THR B 292 -11.42 9.79 -11.12
CA THR B 292 -11.10 8.36 -11.03
C THR B 292 -12.26 7.55 -10.47
N SER B 293 -13.01 8.09 -9.53
CA SER B 293 -14.03 7.33 -8.84
C SER B 293 -15.13 8.27 -8.38
N VAL B 294 -16.37 7.79 -8.42
CA VAL B 294 -17.53 8.51 -7.93
C VAL B 294 -18.32 7.59 -7.03
N SER B 295 -19.10 8.19 -6.12
CA SER B 295 -20.00 7.45 -5.26
C SER B 295 -21.01 8.43 -4.68
N PHE B 296 -22.14 7.90 -4.25
CA PHE B 296 -23.21 8.70 -3.67
C PHE B 296 -23.27 8.47 -2.17
N SER B 297 -23.78 9.47 -1.45
CA SER B 297 -24.13 9.26 -0.06
C SER B 297 -25.43 8.45 0.02
N LYS B 298 -25.75 7.99 1.22
CA LYS B 298 -26.87 7.07 1.40
C LYS B 298 -28.18 7.68 0.88
N SER B 299 -28.41 8.95 1.18
CA SER B 299 -29.60 9.63 0.65
C SER B 299 -29.45 10.02 -0.81
N GLY B 300 -28.22 10.06 -1.31
CA GLY B 300 -27.97 10.41 -2.69
C GLY B 300 -27.80 11.88 -2.98
N ARG B 301 -27.92 12.75 -1.98
CA ARG B 301 -27.77 14.17 -2.24
C ARG B 301 -26.32 14.58 -2.45
N LEU B 302 -25.37 13.82 -1.92
CA LEU B 302 -23.96 14.08 -2.14
C LEU B 302 -23.43 13.15 -3.22
N LEU B 303 -22.56 13.68 -4.07
CA LEU B 303 -21.84 12.88 -5.05
C LEU B 303 -20.36 13.09 -4.80
N LEU B 304 -19.73 12.09 -4.19
CA LEU B 304 -18.32 12.15 -3.85
C LEU B 304 -17.51 11.65 -5.04
N ALA B 305 -16.73 12.54 -5.65
CA ALA B 305 -15.93 12.21 -6.82
C ALA B 305 -14.46 12.38 -6.48
N GLY B 306 -13.66 11.36 -6.79
CA GLY B 306 -12.23 11.40 -6.59
C GLY B 306 -11.54 11.86 -7.86
N TYR B 307 -10.65 12.83 -7.73
CA TYR B 307 -10.04 13.49 -8.87
C TYR B 307 -8.55 13.18 -8.93
N ASP B 308 -7.93 13.58 -10.05
CA ASP B 308 -6.49 13.39 -10.20
C ASP B 308 -5.68 14.46 -9.49
N ASP B 309 -6.32 15.52 -9.01
CA ASP B 309 -5.62 16.59 -8.30
C ASP B 309 -5.35 16.25 -6.84
N PHE B 310 -5.38 14.96 -6.52
CA PHE B 310 -4.98 14.35 -5.26
C PHE B 310 -6.06 14.48 -4.18
N ASN B 311 -7.21 15.06 -4.47
CA ASN B 311 -8.25 15.20 -3.45
C ASN B 311 -9.62 14.87 -4.06
N CYS B 312 -10.54 14.50 -3.17
CA CYS B 312 -11.91 14.17 -3.52
C CYS B 312 -12.80 15.36 -3.21
N ASN B 313 -13.71 15.67 -4.13
CA ASN B 313 -14.67 16.75 -3.92
C ASN B 313 -16.05 16.17 -3.66
N VAL B 314 -16.86 16.92 -2.93
CA VAL B 314 -18.23 16.53 -2.60
C VAL B 314 -19.17 17.49 -3.31
N TRP B 315 -20.14 16.92 -4.01
CA TRP B 315 -21.05 17.69 -4.85
C TRP B 315 -22.47 17.61 -4.32
N ASP B 316 -23.16 18.74 -4.34
CA ASP B 316 -24.60 18.73 -4.06
C ASP B 316 -25.29 18.19 -5.31
N ALA B 317 -25.49 16.87 -5.33
CA ALA B 317 -25.98 16.21 -6.54
C ALA B 317 -27.29 16.78 -7.06
N LEU B 318 -27.99 17.56 -6.24
CA LEU B 318 -29.22 18.20 -6.67
C LEU B 318 -28.99 19.62 -7.16
N LYS B 319 -27.96 20.29 -6.63
CA LYS B 319 -27.68 21.68 -6.99
C LYS B 319 -26.36 21.86 -7.72
N ALA B 320 -25.60 20.77 -7.93
CA ALA B 320 -24.31 20.80 -8.62
C ALA B 320 -23.29 21.68 -7.90
N ASP B 321 -23.63 22.15 -6.71
CA ASP B 321 -22.69 22.97 -5.95
C ASP B 321 -21.65 22.08 -5.28
N ARG B 322 -20.40 22.55 -5.29
CA ARG B 322 -19.29 21.83 -4.67
C ARG B 322 -19.43 21.99 -3.17
N ALA B 323 -20.08 21.02 -2.54
CA ALA B 323 -20.39 21.11 -1.12
C ALA B 323 -19.13 21.08 -0.27
N GLY B 324 -18.17 20.22 -0.61
CA GLY B 324 -16.99 20.09 0.21
C GLY B 324 -15.85 19.47 -0.57
N VAL B 325 -14.72 19.33 0.12
CA VAL B 325 -13.51 18.75 -0.45
C VAL B 325 -12.96 17.74 0.54
N LEU B 326 -12.34 16.68 0.04
CA LEU B 326 -11.68 15.67 0.87
C LEU B 326 -10.20 15.69 0.51
N ALA B 327 -9.45 16.57 1.17
CA ALA B 327 -8.02 16.66 0.98
C ALA B 327 -7.30 15.84 2.04
N GLY B 328 -6.13 15.33 1.69
CA GLY B 328 -5.38 14.50 2.61
C GLY B 328 -4.61 13.38 1.94
N HIS B 329 -4.82 13.19 0.64
CA HIS B 329 -4.08 12.21 -0.13
C HIS B 329 -2.95 12.90 -0.89
N ASP B 330 -1.76 12.32 -0.81
CA ASP B 330 -0.58 12.89 -1.45
C ASP B 330 -0.43 12.47 -2.90
N ASN B 331 -1.31 11.60 -3.41
CA ASN B 331 -1.27 11.19 -4.80
C ASN B 331 -2.70 11.09 -5.29
N ARG B 332 -2.87 10.61 -6.52
CA ARG B 332 -4.18 10.58 -7.16
C ARG B 332 -5.12 9.65 -6.40
N VAL B 333 -6.31 10.16 -6.06
CA VAL B 333 -7.32 9.35 -5.41
C VAL B 333 -7.94 8.44 -6.46
N SER B 334 -7.55 7.17 -6.45
CA SER B 334 -7.96 6.26 -7.52
C SER B 334 -9.32 5.64 -7.27
N CYS B 335 -9.73 5.52 -6.01
CA CYS B 335 -10.95 4.82 -5.67
C CYS B 335 -11.57 5.44 -4.42
N LEU B 336 -12.89 5.36 -4.34
CA LEU B 336 -13.59 5.76 -3.14
C LEU B 336 -14.93 5.06 -3.09
N GLY B 337 -15.38 4.77 -1.88
CA GLY B 337 -16.66 4.12 -1.68
C GLY B 337 -17.36 4.59 -0.42
N VAL B 338 -18.68 4.51 -0.42
CA VAL B 338 -19.49 4.87 0.74
C VAL B 338 -20.09 3.60 1.31
N THR B 339 -20.13 3.49 2.63
CA THR B 339 -20.71 2.33 3.27
C THR B 339 -22.20 2.24 2.95
N ASP B 340 -22.72 1.02 2.96
CA ASP B 340 -24.14 0.84 2.71
C ASP B 340 -25.01 1.50 3.77
N ASP B 341 -24.48 1.69 4.98
CA ASP B 341 -25.15 2.49 5.98
C ASP B 341 -24.86 3.98 5.84
N GLY B 342 -24.03 4.37 4.88
CA GLY B 342 -23.75 5.76 4.60
C GLY B 342 -22.98 6.49 5.66
N MET B 343 -22.41 5.78 6.64
CA MET B 343 -21.76 6.46 7.76
C MET B 343 -20.41 7.02 7.36
N ALA B 344 -19.66 6.29 6.54
CA ALA B 344 -18.27 6.66 6.27
C ALA B 344 -17.98 6.55 4.78
N VAL B 345 -16.94 7.27 4.37
CA VAL B 345 -16.38 7.20 3.03
C VAL B 345 -14.95 6.74 3.14
N ALA B 346 -14.58 5.72 2.38
CA ALA B 346 -13.19 5.30 2.25
C ALA B 346 -12.69 5.75 0.89
N THR B 347 -11.58 6.47 0.88
CA THR B 347 -10.95 6.90 -0.36
C THR B 347 -9.54 6.34 -0.38
N GLY B 348 -9.31 5.36 -1.24
CA GLY B 348 -7.96 4.92 -1.52
C GLY B 348 -7.29 5.84 -2.51
N SER B 349 -5.97 5.73 -2.59
CA SER B 349 -5.23 6.60 -3.49
C SER B 349 -3.90 5.97 -3.84
N TRP B 350 -3.21 6.60 -4.78
CA TRP B 350 -1.93 6.09 -5.26
C TRP B 350 -0.81 6.29 -4.25
N ASP B 351 -1.06 7.01 -3.15
CA ASP B 351 -0.08 7.12 -2.08
C ASP B 351 -0.18 5.99 -1.07
N SER B 352 -0.91 4.93 -1.40
CA SER B 352 -0.97 3.67 -0.64
C SER B 352 -1.69 3.79 0.69
N PHE B 353 -2.55 4.78 0.87
CA PHE B 353 -3.34 4.90 2.07
C PHE B 353 -4.83 4.92 1.73
N LEU B 354 -5.61 4.24 2.55
CA LEU B 354 -7.06 4.39 2.55
C LEU B 354 -7.43 5.20 3.77
N LYS B 355 -8.22 6.26 3.56
CA LYS B 355 -8.68 7.10 4.65
C LYS B 355 -10.19 6.98 4.78
N ILE B 356 -10.65 6.79 6.01
CA ILE B 356 -12.07 6.72 6.33
C ILE B 356 -12.51 8.10 6.75
N TRP B 357 -13.58 8.61 6.14
CA TRP B 357 -14.02 9.97 6.36
C TRP B 357 -15.43 10.00 6.93
N ASN B 358 -15.65 10.92 7.86
CA ASN B 358 -16.97 11.13 8.47
C ASN B 358 -17.29 12.61 8.62
N SER C 8 -18.48 -4.81 -40.58
CA SER C 8 -19.08 -5.27 -41.83
C SER C 8 -20.55 -4.90 -41.90
N ILE C 9 -21.28 -5.55 -42.81
CA ILE C 9 -22.72 -5.31 -42.92
C ILE C 9 -23.44 -5.81 -41.68
N ALA C 10 -22.96 -6.92 -41.10
CA ALA C 10 -23.57 -7.44 -39.88
C ALA C 10 -23.45 -6.46 -38.72
N GLN C 11 -22.29 -5.82 -38.58
CA GLN C 11 -22.12 -4.83 -37.50
C GLN C 11 -23.07 -3.65 -37.68
N ALA C 12 -23.22 -3.16 -38.91
CA ALA C 12 -24.13 -2.06 -39.16
C ALA C 12 -25.57 -2.47 -38.89
N ARG C 13 -25.95 -3.68 -39.29
CA ARG C 13 -27.30 -4.16 -39.00
C ARG C 13 -27.55 -4.27 -37.51
N LYS C 14 -26.55 -4.79 -36.77
CA LYS C 14 -26.68 -4.90 -35.32
C LYS C 14 -26.82 -3.52 -34.68
N LEU C 15 -26.03 -2.56 -35.15
CA LEU C 15 -26.12 -1.20 -34.61
C LEU C 15 -27.48 -0.59 -34.89
N VAL C 16 -28.01 -0.80 -36.10
CA VAL C 16 -29.33 -0.26 -36.44
C VAL C 16 -30.40 -0.90 -35.57
N GLU C 17 -30.34 -2.22 -35.39
CA GLU C 17 -31.32 -2.91 -34.56
C GLU C 17 -31.23 -2.44 -33.12
N GLN C 18 -30.02 -2.27 -32.59
CA GLN C 18 -29.84 -1.79 -31.24
C GLN C 18 -30.39 -0.38 -31.07
N LEU C 19 -30.15 0.49 -32.05
CA LEU C 19 -30.67 1.85 -31.98
C LEU C 19 -32.19 1.87 -32.03
N LYS C 20 -32.78 1.04 -32.90
CA LYS C 20 -34.24 0.97 -32.98
C LYS C 20 -34.83 0.45 -31.67
N MET C 21 -34.21 -0.58 -31.09
CA MET C 21 -34.68 -1.13 -29.81
C MET C 21 -34.56 -0.12 -28.68
N GLU C 22 -33.44 0.60 -28.62
CA GLU C 22 -33.24 1.59 -27.57
C GLU C 22 -34.16 2.78 -27.72
N ALA C 23 -34.43 3.21 -28.96
CA ALA C 23 -35.28 4.36 -29.20
C ALA C 23 -36.71 4.15 -28.70
N ASN C 24 -37.28 2.97 -28.97
CA ASN C 24 -38.69 2.71 -28.67
C ASN C 24 -38.84 2.29 -27.21
N ILE C 25 -38.65 3.27 -26.33
CA ILE C 25 -38.85 3.08 -24.90
C ILE C 25 -39.76 4.18 -24.38
N ASP C 26 -40.11 4.08 -23.10
CA ASP C 26 -41.00 5.03 -22.45
C ASP C 26 -40.16 6.01 -21.65
N ARG C 27 -39.85 7.16 -22.26
CA ARG C 27 -39.13 8.21 -21.57
C ARG C 27 -40.11 9.12 -20.83
N ILE C 28 -39.77 9.45 -19.60
CA ILE C 28 -40.58 10.36 -18.79
C ILE C 28 -39.98 11.75 -18.89
N LYS C 29 -40.76 12.74 -18.50
CA LYS C 29 -40.28 14.11 -18.50
C LYS C 29 -39.17 14.26 -17.46
N VAL C 30 -38.16 15.07 -17.79
CA VAL C 30 -37.07 15.27 -16.84
C VAL C 30 -37.54 16.06 -15.63
N SER C 31 -38.65 16.78 -15.74
CA SER C 31 -39.26 17.38 -14.56
C SER C 31 -39.69 16.31 -13.57
N LYS C 32 -40.32 15.24 -14.08
CA LYS C 32 -40.71 14.14 -13.23
C LYS C 32 -39.51 13.42 -12.64
N ALA C 33 -38.46 13.19 -13.44
CA ALA C 33 -37.27 12.52 -12.95
C ALA C 33 -36.59 13.35 -11.86
N ALA C 34 -36.49 14.66 -12.08
CA ALA C 34 -35.92 15.55 -11.07
C ALA C 34 -36.76 15.57 -9.81
N ALA C 35 -38.09 15.56 -9.96
CA ALA C 35 -38.96 15.51 -8.80
C ALA C 35 -38.77 14.23 -8.01
N ASP C 36 -38.62 13.10 -8.71
CA ASP C 36 -38.37 11.84 -8.02
C ASP C 36 -37.03 11.86 -7.28
N LEU C 37 -35.99 12.41 -7.91
CA LEU C 37 -34.70 12.49 -7.23
C LEU C 37 -34.76 13.40 -6.00
N MET C 38 -35.44 14.54 -6.14
CA MET C 38 -35.63 15.45 -5.00
C MET C 38 -36.38 14.76 -3.87
N ALA C 39 -37.45 14.03 -4.22
CA ALA C 39 -38.24 13.36 -3.19
C ALA C 39 -37.44 12.27 -2.51
N TYR C 40 -36.59 11.56 -3.27
CA TYR C 40 -35.76 10.54 -2.65
C TYR C 40 -34.73 11.17 -1.71
N CYS C 41 -34.12 12.28 -2.12
CA CYS C 41 -33.10 12.90 -1.28
C CYS C 41 -33.71 13.54 -0.04
N GLU C 42 -34.93 14.05 -0.15
CA GLU C 42 -35.60 14.61 1.02
C GLU C 42 -36.12 13.54 1.95
N ALA C 43 -36.63 12.44 1.39
CA ALA C 43 -37.18 11.35 2.19
C ALA C 43 -36.11 10.54 2.90
N HIS C 44 -34.83 10.75 2.58
CA HIS C 44 -33.76 10.00 3.20
C HIS C 44 -32.68 10.91 3.79
N ALA C 45 -32.94 12.20 3.94
CA ALA C 45 -31.93 13.10 4.48
C ALA C 45 -31.60 12.77 5.93
N LYS C 46 -32.57 12.25 6.68
CA LYS C 46 -32.32 11.93 8.09
C LYS C 46 -31.29 10.82 8.22
N GLU C 47 -31.40 9.77 7.42
CA GLU C 47 -30.44 8.67 7.45
C GLU C 47 -29.33 8.85 6.42
N ASP C 48 -28.69 10.02 6.45
CA ASP C 48 -27.50 10.30 5.64
C ASP C 48 -26.43 10.88 6.55
N PRO C 49 -25.63 10.02 7.18
CA PRO C 49 -24.62 10.53 8.13
C PRO C 49 -23.58 11.43 7.49
N LEU C 50 -23.41 11.39 6.17
CA LEU C 50 -22.52 12.35 5.52
C LEU C 50 -23.23 13.68 5.29
N LEU C 51 -24.55 13.67 5.27
CA LEU C 51 -25.31 14.91 5.09
C LEU C 51 -25.66 15.53 6.44
N THR C 52 -26.20 14.72 7.35
CA THR C 52 -26.51 15.14 8.72
C THR C 52 -25.67 14.30 9.65
N PRO C 53 -24.47 14.76 10.03
CA PRO C 53 -23.56 13.91 10.80
C PRO C 53 -24.17 13.43 12.11
N VAL C 54 -23.96 12.16 12.41
CA VAL C 54 -24.47 11.54 13.63
C VAL C 54 -23.63 12.03 14.81
N PRO C 55 -24.18 12.02 16.02
CA PRO C 55 -23.36 12.37 17.19
C PRO C 55 -22.20 11.41 17.35
N ALA C 56 -21.11 11.91 17.93
CA ALA C 56 -19.88 11.14 18.06
C ALA C 56 -20.09 9.83 18.80
N SER C 57 -21.10 9.76 19.68
CA SER C 57 -21.44 8.49 20.31
C SER C 57 -21.98 7.49 19.30
N GLU C 58 -22.78 7.98 18.35
CA GLU C 58 -23.37 7.13 17.32
C GLU C 58 -22.50 6.98 16.10
N ASN C 59 -21.31 7.57 16.10
CA ASN C 59 -20.39 7.46 14.97
C ASN C 59 -19.40 6.34 15.24
N PRO C 60 -19.43 5.24 14.49
CA PRO C 60 -18.50 4.13 14.76
C PRO C 60 -17.05 4.48 14.56
N PHE C 61 -16.73 5.52 13.80
CA PHE C 61 -15.36 5.97 13.61
C PHE C 61 -15.07 7.18 14.49
N ARG C 62 -14.71 6.91 15.73
CA ARG C 62 -14.41 7.97 16.69
C ARG C 62 -12.92 7.97 17.02
N VAL D 2 -9.83 -31.27 7.39
CA VAL D 2 -9.37 -30.74 8.66
C VAL D 2 -9.52 -31.77 9.76
N GLN D 3 -8.41 -32.12 10.40
CA GLN D 3 -8.46 -33.01 11.54
C GLN D 3 -7.32 -32.67 12.49
N LEU D 4 -7.58 -32.76 13.78
CA LEU D 4 -6.58 -32.59 14.82
C LEU D 4 -6.48 -33.90 15.59
N VAL D 5 -5.29 -34.48 15.62
CA VAL D 5 -5.08 -35.77 16.26
C VAL D 5 -4.13 -35.56 17.44
N GLU D 6 -4.62 -35.86 18.65
CA GLU D 6 -3.80 -35.77 19.84
C GLU D 6 -3.13 -37.11 20.11
N SER D 7 -1.89 -37.05 20.58
CA SER D 7 -1.14 -38.25 20.90
C SER D 7 -0.42 -38.05 22.22
N GLY D 8 -0.15 -39.16 22.90
CA GLY D 8 0.43 -39.12 24.22
C GLY D 8 -0.50 -39.69 25.26
N GLY D 9 -0.79 -38.91 26.30
CA GLY D 9 -1.75 -39.35 27.30
C GLY D 9 -1.29 -40.62 27.99
N GLY D 10 -2.13 -41.66 27.90
CA GLY D 10 -1.79 -42.92 28.53
C GLY D 10 -1.82 -42.83 30.05
N LEU D 11 -0.97 -43.64 30.67
CA LEU D 11 -0.90 -43.74 32.12
C LEU D 11 0.44 -43.19 32.60
N VAL D 12 0.40 -42.32 33.61
CA VAL D 12 1.59 -41.71 34.17
C VAL D 12 1.46 -41.71 35.69
N GLN D 13 2.61 -41.85 36.35
CA GLN D 13 2.65 -41.81 37.80
C GLN D 13 2.47 -40.37 38.30
N PRO D 14 1.92 -40.19 39.50
CA PRO D 14 1.81 -38.84 40.05
C PRO D 14 3.19 -38.22 40.21
N GLY D 15 3.27 -36.92 39.97
CA GLY D 15 4.54 -36.22 39.98
C GLY D 15 5.39 -36.46 38.75
N GLY D 16 4.92 -37.26 37.79
CA GLY D 16 5.66 -37.53 36.58
C GLY D 16 5.52 -36.41 35.57
N SER D 17 5.88 -36.72 34.33
CA SER D 17 5.84 -35.74 33.26
C SER D 17 5.65 -36.44 31.93
N ARG D 18 4.84 -35.84 31.05
CA ARG D 18 4.67 -36.31 29.69
C ARG D 18 4.43 -35.13 28.78
N LYS D 19 4.62 -35.36 27.48
CA LYS D 19 4.37 -34.37 26.45
C LYS D 19 3.17 -34.81 25.60
N LEU D 20 2.19 -33.94 25.49
CA LEU D 20 1.04 -34.17 24.62
C LEU D 20 1.30 -33.55 23.26
N SER D 21 1.08 -34.32 22.20
CA SER D 21 1.32 -33.88 20.85
C SER D 21 0.02 -33.81 20.07
N CYS D 22 -0.08 -32.82 19.19
CA CYS D 22 -1.22 -32.61 18.31
C CYS D 22 -0.77 -32.55 16.86
N SER D 23 -1.08 -33.59 16.09
CA SER D 23 -0.72 -33.64 14.68
C SER D 23 -1.83 -32.98 13.87
N ALA D 24 -1.78 -31.65 13.81
CA ALA D 24 -2.76 -30.91 13.03
C ALA D 24 -2.54 -31.14 11.54
N SER D 25 -3.63 -31.30 10.80
CA SER D 25 -3.55 -31.52 9.37
C SER D 25 -4.85 -31.06 8.73
N GLY D 26 -4.76 -30.70 7.46
CA GLY D 26 -5.92 -30.31 6.70
C GLY D 26 -6.29 -28.85 6.75
N PHE D 27 -5.52 -28.02 7.46
CA PHE D 27 -5.82 -26.59 7.53
C PHE D 27 -4.53 -25.83 7.77
N ALA D 28 -4.62 -24.50 7.62
CA ALA D 28 -3.47 -23.60 7.78
C ALA D 28 -3.18 -23.43 9.26
N PHE D 29 -2.48 -24.42 9.83
CA PHE D 29 -2.28 -24.48 11.27
C PHE D 29 -1.53 -23.26 11.79
N SER D 30 -0.67 -22.66 10.98
CA SER D 30 0.14 -21.54 11.46
C SER D 30 -0.72 -20.33 11.82
N SER D 31 -1.87 -20.18 11.20
CA SER D 31 -2.71 -19.00 11.39
C SER D 31 -3.77 -19.17 12.46
N PHE D 32 -3.74 -20.26 13.21
CA PHE D 32 -4.75 -20.55 14.23
C PHE D 32 -4.14 -20.49 15.62
N GLY D 33 -4.80 -19.76 16.52
CA GLY D 33 -4.46 -19.86 17.92
C GLY D 33 -5.04 -21.14 18.50
N MET D 34 -4.15 -21.98 19.04
CA MET D 34 -4.52 -23.32 19.46
C MET D 34 -4.66 -23.37 20.97
N HIS D 35 -5.67 -24.09 21.43
CA HIS D 35 -5.97 -24.25 22.84
C HIS D 35 -5.80 -25.70 23.24
N TRP D 36 -5.53 -25.92 24.52
CA TRP D 36 -5.70 -27.23 25.14
C TRP D 36 -6.86 -27.12 26.12
N VAL D 37 -7.85 -27.98 25.95
CA VAL D 37 -9.03 -28.01 26.80
C VAL D 37 -9.20 -29.42 27.32
N ARG D 38 -9.24 -29.58 28.63
CA ARG D 38 -9.33 -30.90 29.22
C ARG D 38 -10.68 -31.10 29.89
N GLN D 39 -11.03 -32.36 30.06
CA GLN D 39 -12.31 -32.76 30.65
C GLN D 39 -12.04 -33.92 31.59
N ALA D 40 -12.28 -33.71 32.88
CA ALA D 40 -12.05 -34.76 33.85
C ALA D 40 -12.92 -35.97 33.52
N PRO D 41 -12.48 -37.18 33.88
CA PRO D 41 -13.18 -38.39 33.43
C PRO D 41 -14.68 -38.41 33.73
N GLU D 42 -15.14 -37.58 34.65
CA GLU D 42 -16.57 -37.46 34.93
C GLU D 42 -17.08 -36.03 34.91
N LYS D 43 -16.20 -35.04 34.94
CA LYS D 43 -16.61 -33.65 35.06
C LYS D 43 -16.76 -33.03 33.66
N GLY D 44 -16.91 -31.70 33.63
CA GLY D 44 -17.05 -30.98 32.38
C GLY D 44 -15.73 -30.42 31.88
N LEU D 45 -15.82 -29.71 30.76
CA LEU D 45 -14.62 -29.18 30.12
C LEU D 45 -13.95 -28.13 30.99
N GLU D 46 -12.63 -28.02 30.83
CA GLU D 46 -11.84 -27.04 31.56
C GLU D 46 -10.67 -26.64 30.68
N TRP D 47 -10.63 -25.36 30.31
CA TRP D 47 -9.60 -24.86 29.42
C TRP D 47 -8.25 -24.88 30.11
N VAL D 48 -7.22 -25.33 29.40
CA VAL D 48 -5.91 -25.56 30.00
C VAL D 48 -4.91 -24.47 29.60
N ALA D 49 -4.70 -24.30 28.31
CA ALA D 49 -3.67 -23.37 27.84
C ALA D 49 -4.04 -22.88 26.45
N TYR D 50 -3.33 -21.84 26.01
CA TYR D 50 -3.56 -21.22 24.72
C TYR D 50 -2.25 -20.68 24.19
N ILE D 51 -1.93 -21.01 22.95
CA ILE D 51 -0.77 -20.44 22.26
C ILE D 51 -1.26 -19.81 20.96
N SER D 52 -0.98 -18.52 20.80
CA SER D 52 -1.56 -17.80 19.68
C SER D 52 -0.86 -18.18 18.37
N SER D 53 -1.31 -17.56 17.28
CA SER D 53 -0.70 -17.78 15.98
C SER D 53 0.69 -17.16 15.96
N GLY D 54 1.71 -17.99 15.74
CA GLY D 54 3.08 -17.55 15.82
C GLY D 54 3.67 -17.56 17.21
N SER D 55 2.99 -18.17 18.18
CA SER D 55 3.45 -18.30 19.57
C SER D 55 3.66 -16.96 20.25
N GLY D 56 3.14 -15.87 19.68
CA GLY D 56 3.39 -14.57 20.25
C GLY D 56 2.78 -14.39 21.63
N THR D 57 1.61 -14.96 21.85
CA THR D 57 0.87 -14.80 23.09
C THR D 57 0.49 -16.17 23.64
N ILE D 58 0.73 -16.39 24.92
CA ILE D 58 0.46 -17.66 25.57
C ILE D 58 -0.23 -17.40 26.90
N TYR D 59 -1.28 -18.16 27.18
CA TYR D 59 -1.94 -18.16 28.48
C TYR D 59 -2.07 -19.58 28.98
N TYR D 60 -2.17 -19.72 30.31
CA TYR D 60 -2.36 -21.02 30.95
C TYR D 60 -3.50 -20.91 31.94
N ALA D 61 -4.15 -22.05 32.20
CA ALA D 61 -5.08 -22.11 33.31
C ALA D 61 -4.33 -21.87 34.61
N ASP D 62 -4.97 -21.13 35.51
CA ASP D 62 -4.30 -20.75 36.76
C ASP D 62 -3.95 -21.97 37.60
N THR D 63 -4.57 -23.12 37.33
CA THR D 63 -4.29 -24.34 38.08
C THR D 63 -3.21 -25.20 37.44
N VAL D 64 -2.67 -24.80 36.29
CA VAL D 64 -1.65 -25.61 35.61
C VAL D 64 -0.47 -24.72 35.24
N LYS D 65 -0.57 -23.43 35.53
CA LYS D 65 0.49 -22.50 35.18
C LYS D 65 1.78 -22.87 35.91
N GLY D 66 2.89 -22.85 35.18
CA GLY D 66 4.16 -23.26 35.75
C GLY D 66 4.44 -24.74 35.51
N ARG D 67 3.46 -25.58 35.84
CA ARG D 67 3.60 -27.01 35.60
C ARG D 67 3.46 -27.38 34.13
N PHE D 68 2.61 -26.69 33.38
CA PHE D 68 2.39 -26.98 31.98
C PHE D 68 3.11 -25.95 31.11
N THR D 69 3.49 -26.37 29.91
CA THR D 69 4.08 -25.49 28.92
C THR D 69 3.51 -25.86 27.56
N ILE D 70 2.81 -24.90 26.94
CA ILE D 70 2.21 -25.12 25.63
C ILE D 70 3.14 -24.57 24.57
N SER D 71 3.35 -25.37 23.52
CA SER D 71 4.23 -24.96 22.43
C SER D 71 3.69 -25.56 21.13
N ARG D 72 4.01 -24.89 20.02
CA ARG D 72 3.58 -25.33 18.71
C ARG D 72 4.78 -25.41 17.80
N ASP D 73 4.68 -26.26 16.78
CA ASP D 73 5.72 -26.41 15.76
C ASP D 73 5.06 -26.27 14.40
N ASP D 74 5.01 -25.03 13.90
CA ASP D 74 4.32 -24.77 12.64
C ASP D 74 4.86 -25.56 11.45
N PRO D 75 6.18 -25.69 11.24
CA PRO D 75 6.64 -26.46 10.07
C PRO D 75 6.10 -27.89 10.03
N LYS D 76 6.04 -28.56 11.17
CA LYS D 76 5.46 -29.90 11.25
C LYS D 76 4.03 -29.89 11.76
N ASN D 77 3.44 -28.70 11.96
CA ASN D 77 2.03 -28.55 12.35
C ASN D 77 1.71 -29.38 13.60
N THR D 78 2.61 -29.34 14.58
CA THR D 78 2.43 -30.11 15.80
C THR D 78 2.30 -29.17 16.98
N LEU D 79 1.29 -29.41 17.81
CA LEU D 79 1.04 -28.64 19.01
C LEU D 79 1.39 -29.47 20.22
N PHE D 80 2.16 -28.89 21.14
CA PHE D 80 2.66 -29.61 22.29
C PHE D 80 2.12 -29.00 23.58
N LEU D 81 1.94 -29.87 24.57
CA LEU D 81 1.68 -29.46 25.95
C LEU D 81 2.73 -30.17 26.80
N GLN D 82 3.68 -29.40 27.32
CA GLN D 82 4.71 -29.96 28.18
C GLN D 82 4.16 -30.04 29.60
N MET D 83 3.83 -31.25 30.03
CA MET D 83 3.19 -31.47 31.32
C MET D 83 4.23 -31.97 32.31
N THR D 84 4.36 -31.25 33.43
CA THR D 84 5.31 -31.62 34.47
C THR D 84 4.63 -31.50 35.84
N SER D 85 5.12 -32.27 36.80
CA SER D 85 4.55 -32.34 38.13
C SER D 85 3.06 -32.71 38.06
N LEU D 86 2.80 -33.83 37.41
CA LEU D 86 1.44 -34.23 37.06
C LEU D 86 0.73 -34.73 38.32
N ARG D 87 -0.05 -33.85 38.95
CA ARG D 87 -0.82 -34.23 40.12
C ARG D 87 -1.96 -35.17 39.71
N SER D 88 -2.63 -35.71 40.74
CA SER D 88 -3.75 -36.61 40.48
C SER D 88 -4.94 -35.89 39.88
N GLU D 89 -5.01 -34.57 39.99
CA GLU D 89 -6.10 -33.81 39.40
C GLU D 89 -5.87 -33.49 37.94
N ASP D 90 -4.75 -33.92 37.36
CA ASP D 90 -4.46 -33.69 35.95
C ASP D 90 -4.92 -34.80 35.05
N THR D 91 -5.57 -35.83 35.59
CA THR D 91 -6.13 -36.88 34.75
C THR D 91 -7.40 -36.37 34.07
N ALA D 92 -7.43 -36.46 32.74
CA ALA D 92 -8.51 -35.90 31.94
C ALA D 92 -8.27 -36.30 30.49
N MET D 93 -9.24 -36.03 29.64
CA MET D 93 -9.06 -36.11 28.20
C MET D 93 -8.72 -34.71 27.70
N TYR D 94 -7.53 -34.57 27.13
CA TYR D 94 -7.04 -33.27 26.70
C TYR D 94 -7.40 -33.04 25.24
N TYR D 95 -8.20 -32.02 24.98
CA TYR D 95 -8.62 -31.67 23.64
C TYR D 95 -7.78 -30.49 23.16
N CYS D 96 -7.23 -30.62 21.97
CA CYS D 96 -6.67 -29.48 21.25
C CYS D 96 -7.80 -28.82 20.49
N VAL D 97 -7.83 -27.49 20.50
CA VAL D 97 -8.93 -26.74 19.91
C VAL D 97 -8.37 -25.78 18.88
N ARG D 98 -8.97 -25.79 17.71
CA ARG D 98 -8.63 -24.88 16.62
C ARG D 98 -9.38 -23.58 16.82
N SER D 99 -8.65 -22.46 16.87
CA SER D 99 -9.32 -21.17 17.03
C SER D 99 -8.55 -20.09 16.30
N ILE D 100 -9.25 -19.31 15.49
CA ILE D 100 -8.66 -18.22 14.74
C ILE D 100 -9.44 -16.95 15.06
N TYR D 101 -8.72 -15.85 15.21
CA TYR D 101 -9.32 -14.60 15.69
C TYR D 101 -9.10 -13.49 14.68
N TYR D 102 -10.19 -13.07 14.04
CA TYR D 102 -10.27 -11.82 13.32
C TYR D 102 -11.70 -11.35 13.41
N TYR D 103 -12.03 -10.30 12.65
CA TYR D 103 -13.40 -9.83 12.67
C TYR D 103 -14.30 -10.82 11.95
N GLY D 104 -15.27 -11.37 12.68
CA GLY D 104 -16.21 -12.32 12.11
C GLY D 104 -15.76 -13.75 12.16
N SER D 105 -14.57 -14.03 12.70
CA SER D 105 -14.08 -15.39 12.77
C SER D 105 -14.89 -16.18 13.79
N SER D 106 -14.74 -17.50 13.72
CA SER D 106 -15.45 -18.44 14.58
C SER D 106 -14.44 -19.25 15.38
N PRO D 107 -13.99 -18.75 16.52
CA PRO D 107 -13.01 -19.52 17.32
C PRO D 107 -13.62 -20.78 17.89
N PHE D 108 -12.74 -21.70 18.28
CA PHE D 108 -13.13 -22.94 18.95
C PHE D 108 -13.98 -23.83 18.05
N ASP D 109 -13.89 -23.61 16.74
CA ASP D 109 -14.75 -24.28 15.79
C ASP D 109 -14.43 -25.74 15.59
N PHE D 110 -13.16 -26.13 15.61
CA PHE D 110 -12.79 -27.53 15.45
C PHE D 110 -12.00 -28.01 16.65
N TRP D 111 -12.41 -29.14 17.20
CA TRP D 111 -11.79 -29.74 18.36
C TRP D 111 -11.13 -31.05 17.97
N GLY D 112 -9.92 -31.28 18.45
CA GLY D 112 -9.29 -32.57 18.27
C GLY D 112 -10.08 -33.66 18.92
N GLN D 113 -9.74 -34.90 18.58
CA GLN D 113 -10.50 -36.03 19.10
C GLN D 113 -10.15 -36.29 20.57
N GLY D 114 -9.03 -35.77 21.04
CA GLY D 114 -8.67 -35.83 22.45
C GLY D 114 -7.85 -37.05 22.79
N THR D 115 -6.98 -36.88 23.79
CA THR D 115 -6.15 -37.97 24.28
C THR D 115 -6.37 -38.14 25.78
N THR D 116 -6.51 -39.38 26.22
CA THR D 116 -6.80 -39.67 27.62
C THR D 116 -5.52 -39.68 28.43
N LEU D 117 -5.46 -38.81 29.44
CA LEU D 117 -4.38 -38.84 30.41
C LEU D 117 -4.90 -39.40 31.71
N THR D 118 -4.22 -40.42 32.23
CA THR D 118 -4.55 -41.01 33.53
C THR D 118 -3.35 -40.84 34.45
N VAL D 119 -3.58 -40.23 35.60
CA VAL D 119 -2.54 -40.01 36.60
C VAL D 119 -2.94 -40.80 37.84
N SER D 120 -2.05 -41.68 38.29
CA SER D 120 -2.35 -42.54 39.43
C SER D 120 -2.33 -41.74 40.73
N SER D 121 -2.86 -42.35 41.79
CA SER D 121 -2.89 -41.73 43.10
C SER D 121 -2.12 -42.56 44.12
N SER D 136 -11.57 -13.99 40.74
CA SER D 136 -11.46 -12.93 39.74
C SER D 136 -11.89 -13.44 38.36
N ASP D 137 -11.78 -14.74 38.15
CA ASP D 137 -12.20 -15.34 36.91
C ASP D 137 -13.72 -15.28 36.77
N ILE D 138 -14.20 -15.18 35.53
CA ILE D 138 -15.63 -15.20 35.28
C ILE D 138 -16.17 -16.59 35.58
N VAL D 139 -17.24 -16.65 36.37
CA VAL D 139 -17.84 -17.91 36.78
C VAL D 139 -19.06 -18.17 35.90
N MET D 140 -18.98 -19.23 35.11
CA MET D 140 -20.05 -19.59 34.19
C MET D 140 -20.91 -20.66 34.84
N THR D 141 -22.19 -20.35 35.01
CA THR D 141 -23.10 -21.21 35.76
C THR D 141 -24.14 -21.78 34.81
N GLN D 142 -24.31 -23.10 34.84
CA GLN D 142 -25.41 -23.79 34.16
C GLN D 142 -26.21 -24.49 35.24
N ALA D 143 -27.17 -23.77 35.83
CA ALA D 143 -27.97 -24.34 36.91
C ALA D 143 -28.74 -25.58 36.44
N THR D 144 -29.31 -25.51 35.25
CA THR D 144 -29.93 -26.67 34.65
C THR D 144 -28.86 -27.67 34.22
N SER D 145 -29.18 -28.95 34.40
CA SER D 145 -28.27 -30.03 34.04
C SER D 145 -29.06 -31.33 34.02
N SER D 146 -28.77 -32.17 33.02
CA SER D 146 -29.47 -33.44 32.82
C SER D 146 -30.98 -33.21 32.72
N VAL D 147 -31.40 -32.50 31.68
CA VAL D 147 -32.83 -32.23 31.50
C VAL D 147 -33.42 -33.24 30.52
N PRO D 148 -34.55 -33.86 30.83
CA PRO D 148 -35.16 -34.80 29.89
C PRO D 148 -35.85 -34.08 28.74
N VAL D 149 -35.58 -34.56 27.52
CA VAL D 149 -36.11 -33.95 26.31
C VAL D 149 -36.72 -35.03 25.42
N THR D 150 -37.63 -34.60 24.55
CA THR D 150 -38.29 -35.47 23.59
C THR D 150 -38.06 -34.94 22.19
N PRO D 151 -37.80 -35.80 21.21
CA PRO D 151 -37.57 -35.32 19.84
C PRO D 151 -38.77 -34.56 19.30
N GLY D 152 -38.47 -33.51 18.52
CA GLY D 152 -39.49 -32.72 17.88
C GLY D 152 -39.96 -31.50 18.66
N GLU D 153 -39.57 -31.37 19.92
CA GLU D 153 -40.02 -30.28 20.77
C GLU D 153 -38.88 -29.30 21.04
N SER D 154 -39.24 -28.05 21.27
CA SER D 154 -38.27 -27.01 21.55
C SER D 154 -37.76 -27.13 22.98
N VAL D 155 -36.46 -26.90 23.15
CA VAL D 155 -35.82 -26.92 24.45
C VAL D 155 -34.90 -25.70 24.55
N SER D 156 -34.80 -25.13 25.74
CA SER D 156 -33.93 -23.99 26.00
C SER D 156 -32.94 -24.37 27.08
N ILE D 157 -31.66 -24.12 26.82
CA ILE D 157 -30.59 -24.36 27.78
C ILE D 157 -30.08 -23.00 28.25
N SER D 158 -30.12 -22.77 29.56
CA SER D 158 -29.79 -21.47 30.10
C SER D 158 -28.35 -21.45 30.61
N CYS D 159 -27.85 -20.24 30.87
CA CYS D 159 -26.49 -20.03 31.34
C CYS D 159 -26.42 -18.71 32.09
N ARG D 160 -25.59 -18.69 33.13
CA ARG D 160 -25.39 -17.51 33.94
C ARG D 160 -23.90 -17.19 34.00
N SER D 161 -23.57 -15.90 33.98
CA SER D 161 -22.19 -15.44 34.06
C SER D 161 -22.04 -14.49 35.24
N SER D 162 -20.92 -14.62 35.95
CA SER D 162 -20.66 -13.71 37.07
C SER D 162 -20.46 -12.28 36.57
N LYS D 163 -19.75 -12.12 35.47
CA LYS D 163 -19.50 -10.82 34.87
C LYS D 163 -20.25 -10.73 33.54
N SER D 164 -20.61 -9.51 33.15
CA SER D 164 -21.27 -9.31 31.87
C SER D 164 -20.31 -9.65 30.74
N LEU D 165 -20.72 -10.63 29.91
CA LEU D 165 -19.89 -11.05 28.78
C LEU D 165 -19.93 -10.06 27.63
N LEU D 166 -20.97 -9.24 27.54
CA LEU D 166 -21.05 -8.22 26.51
C LEU D 166 -19.95 -7.19 26.72
N HIS D 167 -19.22 -6.90 25.65
CA HIS D 167 -18.10 -5.97 25.72
C HIS D 167 -18.50 -4.60 25.20
N SER D 168 -17.62 -3.62 25.43
CA SER D 168 -17.88 -2.26 24.98
C SER D 168 -18.01 -2.16 23.46
N ASN D 169 -17.51 -3.14 22.73
CA ASN D 169 -17.62 -3.13 21.26
C ASN D 169 -18.96 -3.64 20.76
N GLY D 170 -19.82 -4.13 21.65
CA GLY D 170 -21.10 -4.68 21.26
C GLY D 170 -21.12 -6.19 21.12
N ASN D 171 -19.97 -6.84 21.26
CA ASN D 171 -19.89 -8.29 21.09
C ASN D 171 -20.03 -9.00 22.42
N THR D 172 -20.75 -10.11 22.42
CA THR D 172 -20.91 -10.96 23.59
C THR D 172 -20.10 -12.24 23.35
N TYR D 173 -19.17 -12.53 24.25
CA TYR D 173 -18.25 -13.64 24.07
C TYR D 173 -18.77 -14.86 24.83
N LEU D 174 -19.91 -15.35 24.37
CA LEU D 174 -20.51 -16.58 24.87
C LEU D 174 -20.47 -17.65 23.80
N TYR D 175 -19.94 -18.81 24.15
CA TYR D 175 -19.78 -19.93 23.23
C TYR D 175 -20.62 -21.12 23.70
N TRP D 176 -21.15 -21.87 22.74
CA TRP D 176 -21.92 -23.07 23.03
C TRP D 176 -21.30 -24.24 22.30
N PHE D 177 -21.08 -25.34 23.02
CA PHE D 177 -20.48 -26.55 22.46
C PHE D 177 -21.38 -27.73 22.76
N LEU D 178 -21.20 -28.80 21.99
CA LEU D 178 -22.03 -29.99 22.11
C LEU D 178 -21.13 -31.20 22.27
N GLN D 179 -20.95 -31.64 23.51
CA GLN D 179 -20.22 -32.86 23.86
C GLN D 179 -21.13 -34.05 23.59
N ARG D 180 -21.24 -34.44 22.32
CA ARG D 180 -22.04 -35.61 22.00
C ARG D 180 -21.39 -36.87 22.58
N PRO D 181 -22.20 -37.84 23.01
CA PRO D 181 -21.65 -39.05 23.65
C PRO D 181 -20.57 -39.73 22.82
N GLY D 182 -19.34 -39.73 23.34
CA GLY D 182 -18.22 -40.33 22.66
C GLY D 182 -17.56 -39.46 21.62
N GLN D 183 -18.08 -38.26 21.36
CA GLN D 183 -17.54 -37.35 20.38
C GLN D 183 -17.04 -36.09 21.08
N SER D 184 -15.93 -35.55 20.57
CA SER D 184 -15.38 -34.33 21.12
C SER D 184 -16.36 -33.16 20.90
N PRO D 185 -16.27 -32.12 21.72
CA PRO D 185 -17.20 -30.99 21.57
C PRO D 185 -17.10 -30.37 20.20
N GLN D 186 -18.25 -29.90 19.71
CA GLN D 186 -18.29 -29.24 18.41
C GLN D 186 -19.05 -27.93 18.59
N LEU D 187 -18.49 -26.84 18.08
CA LEU D 187 -19.04 -25.53 18.32
C LEU D 187 -20.44 -25.41 17.73
N LEU D 188 -21.35 -24.82 18.50
CA LEU D 188 -22.70 -24.53 18.07
C LEU D 188 -22.90 -23.05 17.75
N ILE D 189 -22.52 -22.18 18.67
CA ILE D 189 -22.71 -20.74 18.55
C ILE D 189 -21.49 -20.05 19.13
N TYR D 190 -20.72 -19.37 18.27
CA TYR D 190 -19.42 -18.89 18.71
C TYR D 190 -19.48 -17.59 19.51
N ARG D 191 -19.93 -16.50 18.92
CA ARG D 191 -20.32 -15.37 19.76
C ARG D 191 -21.82 -15.45 19.93
N MET D 192 -22.29 -15.06 21.13
CA MET D 192 -23.70 -15.19 21.48
C MET D 192 -24.59 -14.77 20.33
N SER D 193 -25.47 -15.69 19.90
CA SER D 193 -26.34 -15.49 18.74
C SER D 193 -25.54 -15.41 17.44
N ASN D 194 -24.70 -16.41 17.21
CA ASN D 194 -23.94 -16.53 15.96
C ASN D 194 -23.74 -18.02 15.68
N LEU D 195 -24.55 -18.58 14.78
CA LEU D 195 -24.52 -20.01 14.52
C LEU D 195 -23.21 -20.42 13.84
N ALA D 196 -22.63 -21.52 14.29
CA ALA D 196 -21.36 -22.00 13.76
C ALA D 196 -21.56 -22.68 12.41
N SER D 197 -20.47 -22.80 11.67
CA SER D 197 -20.52 -23.42 10.35
C SER D 197 -20.83 -24.89 10.44
N GLY D 198 -21.75 -25.37 9.61
CA GLY D 198 -22.14 -26.76 9.59
C GLY D 198 -23.16 -27.15 10.63
N VAL D 199 -23.59 -26.22 11.47
CA VAL D 199 -24.57 -26.50 12.52
C VAL D 199 -25.96 -26.24 11.94
N PRO D 200 -26.88 -27.21 12.02
CA PRO D 200 -28.23 -26.98 11.49
C PRO D 200 -28.90 -25.80 12.18
N ASP D 201 -29.68 -25.06 11.40
CA ASP D 201 -30.24 -23.81 11.89
C ASP D 201 -31.49 -24.04 12.74
N ARG D 202 -31.38 -24.95 13.72
CA ARG D 202 -32.38 -25.06 14.76
C ARG D 202 -31.87 -24.60 16.12
N PHE D 203 -30.56 -24.69 16.35
CA PHE D 203 -29.95 -24.07 17.51
C PHE D 203 -29.95 -22.56 17.33
N SER D 204 -30.33 -21.85 18.38
CA SER D 204 -30.36 -20.39 18.36
C SER D 204 -29.90 -19.86 19.70
N GLY D 205 -29.05 -18.84 19.67
CA GLY D 205 -28.51 -18.25 20.88
C GLY D 205 -29.12 -16.89 21.13
N SER D 206 -29.32 -16.58 22.40
CA SER D 206 -29.90 -15.30 22.79
C SER D 206 -29.53 -15.06 24.26
N GLY D 207 -29.68 -13.82 24.68
CA GLY D 207 -29.34 -13.39 26.01
C GLY D 207 -28.89 -11.96 26.00
N SER D 208 -28.47 -11.47 27.16
CA SER D 208 -28.00 -10.10 27.29
C SER D 208 -27.29 -9.96 28.63
N GLY D 209 -26.10 -9.36 28.60
CA GLY D 209 -25.38 -9.15 29.84
C GLY D 209 -24.83 -10.43 30.42
N THR D 210 -25.43 -10.90 31.51
CA THR D 210 -24.95 -12.06 32.24
C THR D 210 -25.81 -13.31 32.05
N ALA D 211 -27.02 -13.17 31.54
CA ALA D 211 -27.94 -14.30 31.42
C ALA D 211 -28.14 -14.64 29.94
N PHE D 212 -27.95 -15.91 29.60
CA PHE D 212 -28.02 -16.38 28.22
C PHE D 212 -28.86 -17.63 28.16
N THR D 213 -29.34 -17.94 26.96
CA THR D 213 -30.08 -19.17 26.72
C THR D 213 -29.78 -19.69 25.32
N LEU D 214 -29.61 -21.00 25.22
CA LEU D 214 -29.43 -21.69 23.95
C LEU D 214 -30.72 -22.42 23.63
N THR D 215 -31.40 -22.00 22.57
CA THR D 215 -32.69 -22.54 22.20
C THR D 215 -32.53 -23.47 21.01
N ILE D 216 -33.13 -24.65 21.10
CA ILE D 216 -33.14 -25.63 20.00
C ILE D 216 -34.58 -25.76 19.54
N SER D 217 -34.79 -25.61 18.22
CA SER D 217 -36.15 -25.55 17.69
C SER D 217 -36.81 -26.91 17.68
N ARG D 218 -36.25 -27.86 16.93
CA ARG D 218 -36.79 -29.21 16.82
C ARG D 218 -35.63 -30.18 17.06
N LEU D 219 -35.40 -30.52 18.31
CA LEU D 219 -34.22 -31.30 18.67
C LEU D 219 -34.31 -32.69 18.06
N GLU D 220 -33.21 -33.14 17.47
CA GLU D 220 -33.15 -34.43 16.79
C GLU D 220 -32.58 -35.48 17.72
N ALA D 221 -32.30 -36.66 17.15
CA ALA D 221 -31.59 -37.68 17.90
C ALA D 221 -30.10 -37.37 18.00
N GLU D 222 -29.57 -36.52 17.13
CA GLU D 222 -28.18 -36.09 17.20
C GLU D 222 -27.98 -34.93 18.16
N ASP D 223 -29.04 -34.29 18.62
CA ASP D 223 -28.93 -33.20 19.58
C ASP D 223 -28.74 -33.70 21.01
N VAL D 224 -28.81 -35.01 21.23
CA VAL D 224 -28.58 -35.56 22.55
C VAL D 224 -27.10 -35.47 22.87
N GLY D 225 -26.79 -34.90 24.03
CA GLY D 225 -25.41 -34.69 24.42
C GLY D 225 -25.33 -33.77 25.61
N VAL D 226 -24.15 -33.20 25.78
CA VAL D 226 -23.88 -32.26 26.87
C VAL D 226 -23.53 -30.92 26.26
N TYR D 227 -24.19 -29.86 26.73
CA TYR D 227 -24.04 -28.53 26.16
C TYR D 227 -23.28 -27.64 27.13
N TYR D 228 -22.19 -27.05 26.66
CA TYR D 228 -21.28 -26.29 27.50
C TYR D 228 -21.31 -24.82 27.12
N CYS D 229 -21.33 -23.96 28.13
CA CYS D 229 -21.05 -22.55 27.93
C CYS D 229 -19.55 -22.34 27.84
N MET D 230 -19.16 -21.14 27.43
CA MET D 230 -17.78 -20.70 27.55
C MET D 230 -17.74 -19.21 27.38
N GLN D 231 -16.99 -18.54 28.24
CA GLN D 231 -16.72 -17.13 28.08
C GLN D 231 -15.37 -16.95 27.40
N HIS D 232 -15.29 -15.94 26.54
CA HIS D 232 -14.03 -15.58 25.90
C HIS D 232 -13.71 -14.12 26.12
N LEU D 233 -14.30 -13.52 27.17
CA LEU D 233 -14.10 -12.10 27.43
C LEU D 233 -12.77 -11.86 28.14
N GLU D 234 -12.64 -12.37 29.35
CA GLU D 234 -11.37 -12.39 30.05
C GLU D 234 -10.69 -13.73 29.80
N TYR D 235 -9.38 -13.73 29.77
CA TYR D 235 -8.79 -14.85 29.06
C TYR D 235 -8.83 -16.17 29.84
N PRO D 236 -8.79 -16.20 31.19
CA PRO D 236 -8.91 -17.50 31.84
C PRO D 236 -10.27 -18.10 31.56
N LEU D 237 -10.41 -18.64 30.34
CA LEU D 237 -11.69 -19.11 29.82
C LEU D 237 -12.28 -20.17 30.73
N THR D 238 -13.53 -19.98 31.10
CA THR D 238 -14.23 -20.89 32.00
C THR D 238 -15.46 -21.43 31.28
N PHE D 239 -15.66 -22.73 31.39
CA PHE D 239 -16.86 -23.38 30.88
C PHE D 239 -17.87 -23.53 32.01
N GLY D 240 -19.15 -23.58 31.66
CA GLY D 240 -20.15 -23.98 32.62
C GLY D 240 -20.25 -25.49 32.69
N ALA D 241 -20.59 -25.99 33.88
CA ALA D 241 -20.83 -27.42 34.02
C ALA D 241 -21.93 -27.85 33.06
N GLY D 242 -21.66 -28.91 32.30
CA GLY D 242 -22.49 -29.19 31.16
C GLY D 242 -23.94 -29.46 31.52
N THR D 243 -24.83 -29.04 30.62
CA THR D 243 -26.27 -29.25 30.77
C THR D 243 -26.67 -30.40 29.85
N LYS D 244 -26.64 -31.61 30.40
CA LYS D 244 -26.89 -32.81 29.61
C LYS D 244 -28.32 -32.84 29.09
N LEU D 245 -28.48 -33.34 27.87
CA LEU D 245 -29.80 -33.62 27.28
C LEU D 245 -29.95 -35.11 27.12
N GLU D 246 -31.04 -35.67 27.66
CA GLU D 246 -31.32 -37.08 27.58
C GLU D 246 -32.77 -37.30 27.19
N LEU D 247 -33.03 -38.46 26.59
CA LEU D 247 -34.36 -38.77 26.10
C LEU D 247 -35.25 -39.31 27.21
N SER E 161 26.47 47.87 24.66
CA SER E 161 26.28 48.20 23.26
C SER E 161 27.16 47.33 22.36
N TYR E 162 28.47 47.31 22.67
CA TYR E 162 29.38 46.49 21.88
C TYR E 162 29.06 45.01 22.01
N GLN E 163 28.77 44.55 23.23
CA GLN E 163 28.41 43.16 23.44
C GLN E 163 26.97 42.87 23.04
N VAL E 164 26.13 43.91 22.95
CA VAL E 164 24.74 43.70 22.53
C VAL E 164 24.68 43.28 21.07
N ILE E 165 25.50 43.90 20.21
CA ILE E 165 25.55 43.51 18.81
C ILE E 165 26.02 42.07 18.68
N THR E 166 27.02 41.70 19.48
CA THR E 166 27.49 40.32 19.50
C THR E 166 26.38 39.37 19.92
N SER E 167 25.63 39.74 20.96
CA SER E 167 24.53 38.89 21.41
C SER E 167 23.47 38.73 20.33
N LEU E 168 23.14 39.82 19.65
CA LEU E 168 22.16 39.74 18.57
C LEU E 168 22.63 38.84 17.44
N LEU E 169 23.90 38.97 17.03
CA LEU E 169 24.41 38.15 15.93
C LEU E 169 24.44 36.67 16.33
N LEU E 170 24.93 36.38 17.53
CA LEU E 170 24.99 34.99 17.97
C LEU E 170 23.58 34.40 18.13
N GLY E 171 22.65 35.18 18.67
CA GLY E 171 21.29 34.69 18.81
C GLY E 171 20.63 34.45 17.46
N THR E 172 20.87 35.34 16.50
CA THR E 172 20.34 35.14 15.15
C THR E 172 20.90 33.87 14.53
N LEU E 173 22.21 33.66 14.66
CA LEU E 173 22.82 32.45 14.09
C LEU E 173 22.28 31.20 14.77
N ILE E 174 22.14 31.22 16.10
CA ILE E 174 21.63 30.05 16.81
C ILE E 174 20.18 29.78 16.42
N PHE E 175 19.37 30.83 16.31
CA PHE E 175 17.98 30.64 15.93
C PHE E 175 17.86 30.10 14.52
N CYS E 176 18.66 30.60 13.59
CA CYS E 176 18.64 30.07 12.23
C CYS E 176 19.06 28.60 12.21
N ALA E 177 20.10 28.26 12.97
CA ALA E 177 20.55 26.87 13.01
C ALA E 177 19.47 25.95 13.60
N VAL E 178 18.86 26.37 14.71
CA VAL E 178 17.80 25.57 15.33
C VAL E 178 16.64 25.40 14.36
N LEU E 179 16.24 26.49 13.71
CA LEU E 179 15.11 26.42 12.77
C LEU E 179 15.42 25.47 11.63
N GLY E 180 16.60 25.61 11.02
CA GLY E 180 16.94 24.76 9.89
C GLY E 180 16.99 23.30 10.26
N ASN E 181 17.65 22.98 11.38
CA ASN E 181 17.80 21.59 11.77
C ASN E 181 16.48 20.98 12.20
N ALA E 182 15.67 21.73 12.97
CA ALA E 182 14.36 21.24 13.35
C ALA E 182 13.47 21.02 12.14
N CYS E 183 13.56 21.92 11.15
CA CYS E 183 12.79 21.75 9.93
C CYS E 183 13.20 20.50 9.17
N VAL E 184 14.51 20.22 9.07
CA VAL E 184 14.94 19.00 8.38
C VAL E 184 14.47 17.77 9.12
N VAL E 185 14.60 17.75 10.44
CA VAL E 185 14.16 16.60 11.22
C VAL E 185 12.65 16.40 11.09
N ALA E 186 11.89 17.50 11.10
CA ALA E 186 10.45 17.39 10.93
C ALA E 186 10.08 16.88 9.55
N ALA E 187 10.78 17.35 8.52
CA ALA E 187 10.53 16.86 7.17
C ALA E 187 10.80 15.37 7.06
N ILE E 188 11.85 14.89 7.74
CA ILE E 188 12.11 13.45 7.77
C ILE E 188 10.98 12.72 8.50
N ALA E 189 10.60 13.21 9.68
CA ALA E 189 9.69 12.46 10.54
C ALA E 189 8.24 12.53 10.12
N LEU E 190 7.87 13.50 9.29
CA LEU E 190 6.46 13.70 8.96
C LEU E 190 6.02 12.93 7.72
N GLU E 191 6.90 12.76 6.74
CA GLU E 191 6.50 12.30 5.42
C GLU E 191 7.08 10.94 5.10
N ARG E 192 6.37 10.19 4.25
CA ARG E 192 6.81 8.86 3.85
C ARG E 192 7.98 8.91 2.88
N SER E 193 7.99 9.89 1.97
CA SER E 193 8.97 9.93 0.90
C SER E 193 10.39 10.20 1.40
N LEU E 194 10.56 10.97 2.47
CA LEU E 194 11.88 11.29 2.99
C LEU E 194 12.34 10.30 4.04
N GLN E 195 11.74 9.11 4.10
CA GLN E 195 12.22 8.06 4.98
C GLN E 195 13.05 7.09 4.16
N ASN E 196 14.27 7.53 3.85
CA ASN E 196 15.23 6.79 3.05
C ASN E 196 16.53 6.69 3.84
N VAL E 197 17.36 5.70 3.51
CA VAL E 197 18.62 5.52 4.21
C VAL E 197 19.49 6.76 4.07
N ALA E 198 19.60 7.28 2.84
CA ALA E 198 20.32 8.54 2.63
C ALA E 198 19.65 9.68 3.39
N ASN E 199 18.32 9.74 3.33
CA ASN E 199 17.61 10.76 4.09
C ASN E 199 17.65 10.49 5.58
N TYR E 200 17.77 9.21 5.99
CA TYR E 200 18.00 8.93 7.40
C TYR E 200 19.32 9.50 7.87
N LEU E 201 20.38 9.36 7.07
CA LEU E 201 21.67 9.93 7.44
C LEU E 201 21.61 11.46 7.44
N ILE E 202 20.94 12.05 6.46
CA ILE E 202 20.81 13.51 6.43
C ILE E 202 20.03 14.01 7.64
N GLY E 203 18.93 13.33 7.98
CA GLY E 203 18.17 13.70 9.16
C GLY E 203 18.93 13.49 10.45
N SER E 204 19.79 12.47 10.51
CA SER E 204 20.60 12.28 11.70
C SER E 204 21.67 13.37 11.82
N LEU E 205 22.23 13.80 10.69
CA LEU E 205 23.11 14.95 10.72
C LEU E 205 22.37 16.19 11.20
N ALA E 206 21.13 16.36 10.77
CA ALA E 206 20.31 17.47 11.26
C ALA E 206 20.03 17.34 12.75
N VAL E 207 19.82 16.12 13.24
CA VAL E 207 19.61 15.89 14.67
C VAL E 207 20.84 16.26 15.45
N THR E 208 22.01 15.84 14.98
CA THR E 208 23.27 16.17 15.66
C THR E 208 23.50 17.67 15.66
N ASP E 209 23.25 18.33 14.54
CA ASP E 209 23.47 19.77 14.50
C ASP E 209 22.39 20.52 15.29
N LEU E 210 21.21 19.92 15.47
CA LEU E 210 20.22 20.50 16.37
C LEU E 210 20.67 20.39 17.81
N MET E 211 21.25 19.25 18.19
CA MET E 211 21.86 19.14 19.51
C MET E 211 22.95 20.18 19.69
N VAL E 212 23.79 20.38 18.67
CA VAL E 212 24.79 21.44 18.71
C VAL E 212 24.11 22.77 18.97
N SER E 213 23.09 23.08 18.17
CA SER E 213 22.47 24.39 18.19
C SER E 213 21.78 24.70 19.52
N VAL E 214 21.14 23.70 20.13
CA VAL E 214 20.36 23.97 21.34
C VAL E 214 21.11 23.65 22.63
N LEU E 215 22.25 22.96 22.57
CA LEU E 215 23.05 22.73 23.77
C LEU E 215 24.35 23.50 23.77
N VAL E 216 25.15 23.35 22.72
CA VAL E 216 26.50 23.88 22.69
C VAL E 216 26.51 25.37 22.34
N LEU E 217 25.82 25.74 21.28
CA LEU E 217 25.80 27.13 20.85
C LEU E 217 25.27 28.10 21.91
N PRO E 218 24.23 27.79 22.70
CA PRO E 218 23.79 28.77 23.72
C PRO E 218 24.85 29.08 24.76
N MET E 219 25.43 28.06 25.40
CA MET E 219 26.44 28.33 26.43
C MET E 219 27.68 28.97 25.83
N ALA E 220 28.08 28.55 24.62
CA ALA E 220 29.21 29.20 23.96
C ALA E 220 28.92 30.66 23.68
N ALA E 221 27.70 30.96 23.24
CA ALA E 221 27.32 32.35 22.99
C ALA E 221 27.33 33.16 24.28
N LEU E 222 26.90 32.55 25.39
CA LEU E 222 26.99 33.22 26.67
C LEU E 222 28.44 33.52 27.05
N TYR E 223 29.30 32.51 26.95
CA TYR E 223 30.72 32.68 27.23
C TYR E 223 31.32 33.74 26.32
N GLN E 224 30.75 33.93 25.14
CA GLN E 224 31.32 34.91 24.21
C GLN E 224 30.83 36.31 24.51
N VAL E 225 29.54 36.48 24.75
CA VAL E 225 28.99 37.80 25.02
C VAL E 225 29.49 38.34 26.35
N LEU E 226 29.76 37.44 27.31
CA LEU E 226 30.27 37.88 28.60
C LEU E 226 31.78 37.89 28.68
N ASN E 227 32.48 37.39 27.66
CA ASN E 227 33.94 37.33 27.61
C ASN E 227 34.53 36.49 28.74
N LYS E 228 33.70 35.81 29.50
CA LYS E 228 34.18 34.96 30.59
C LYS E 228 33.14 33.88 30.84
N TRP E 229 33.60 32.76 31.41
CA TRP E 229 32.73 31.63 31.68
C TRP E 229 32.03 31.88 33.01
N THR E 230 30.80 32.36 32.93
CA THR E 230 30.02 32.67 34.14
C THR E 230 29.19 31.47 34.58
N LEU E 231 29.83 30.31 34.64
CA LEU E 231 29.20 29.10 35.15
C LEU E 231 30.25 28.34 35.96
N GLY E 232 29.86 27.16 36.45
CA GLY E 232 30.77 26.37 37.25
C GLY E 232 31.79 25.63 36.42
N GLN E 233 32.85 25.16 37.11
CA GLN E 233 33.86 24.36 36.44
C GLN E 233 33.29 23.03 35.95
N VAL E 234 32.41 22.41 36.76
CA VAL E 234 31.77 21.18 36.32
C VAL E 234 30.92 21.44 35.08
N THR E 235 30.19 22.55 35.07
CA THR E 235 29.43 22.94 33.89
C THR E 235 30.36 23.23 32.72
N CYS E 236 31.54 23.79 32.97
CA CYS E 236 32.51 24.01 31.91
C CYS E 236 32.96 22.70 31.29
N ASP E 237 33.26 21.71 32.13
CA ASP E 237 33.64 20.40 31.60
C ASP E 237 32.51 19.77 30.81
N LEU E 238 31.28 19.86 31.33
CA LEU E 238 30.15 19.29 30.59
C LEU E 238 29.95 20.00 29.25
N PHE E 239 30.09 21.33 29.24
CA PHE E 239 29.92 22.10 28.01
C PHE E 239 30.99 21.74 26.99
N ILE E 240 32.25 21.64 27.42
CA ILE E 240 33.32 21.29 26.49
C ILE E 240 33.16 19.86 25.99
N ALA E 241 32.69 18.96 26.86
CA ALA E 241 32.46 17.59 26.44
C ALA E 241 31.36 17.53 25.38
N LEU E 242 30.26 18.24 25.61
CA LEU E 242 29.19 18.29 24.62
C LEU E 242 29.67 18.95 23.33
N ASP E 243 30.44 20.03 23.45
CA ASP E 243 31.10 20.67 22.33
C ASP E 243 31.84 19.67 21.45
N VAL E 244 32.85 19.01 22.02
CA VAL E 244 33.68 18.10 21.24
C VAL E 244 32.85 16.94 20.71
N LEU E 245 31.96 16.40 21.53
CA LEU E 245 31.15 15.25 21.12
C LEU E 245 30.27 15.60 19.94
N CYS E 246 29.51 16.68 20.04
CA CYS E 246 28.55 17.01 18.99
C CYS E 246 29.25 17.46 17.72
N CYS E 247 30.34 18.22 17.83
CA CYS E 247 31.06 18.64 16.64
C CYS E 247 31.71 17.46 15.93
N THR E 248 32.36 16.56 16.69
CA THR E 248 32.92 15.36 16.10
C THR E 248 31.84 14.51 15.45
N SER E 249 30.69 14.41 16.09
CA SER E 249 29.60 13.60 15.55
C SER E 249 29.05 14.20 14.26
N SER E 250 28.97 15.54 14.18
CA SER E 250 28.51 16.14 12.94
C SER E 250 29.53 15.94 11.81
N ILE E 251 30.81 16.10 12.11
CA ILE E 251 31.82 15.86 11.09
C ILE E 251 31.77 14.41 10.61
N TRP E 252 31.60 13.48 11.53
CA TRP E 252 31.54 12.09 11.13
C TRP E 252 30.21 11.74 10.46
N HIS E 253 29.15 12.51 10.67
CA HIS E 253 27.97 12.34 9.83
C HIS E 253 28.21 12.82 8.43
N LEU E 254 28.99 13.89 8.25
CA LEU E 254 29.43 14.24 6.91
C LEU E 254 30.17 13.08 6.27
N CYS E 255 31.07 12.46 7.02
CA CYS E 255 31.82 11.32 6.48
C CYS E 255 30.92 10.12 6.20
N ALA E 256 29.92 9.89 7.05
CA ALA E 256 29.00 8.77 6.85
C ALA E 256 28.11 8.99 5.64
N ILE E 257 27.69 10.24 5.41
CA ILE E 257 26.92 10.56 4.21
C ILE E 257 27.79 10.36 2.98
N ALA E 258 29.05 10.78 3.04
CA ALA E 258 29.97 10.55 1.92
C ALA E 258 30.14 9.06 1.66
N LEU E 259 30.27 8.26 2.72
CA LEU E 259 30.42 6.81 2.56
C LEU E 259 29.18 6.18 1.96
N ASP E 260 28.00 6.62 2.42
CA ASP E 260 26.75 6.12 1.85
C ASP E 260 26.65 6.45 0.38
N ARG E 261 27.00 7.68 0.00
CA ARG E 261 26.97 8.05 -1.41
C ARG E 261 28.00 7.28 -2.22
N TYR E 262 29.17 7.02 -1.65
CA TYR E 262 30.18 6.21 -2.30
C TYR E 262 29.66 4.82 -2.58
N TRP E 263 29.02 4.20 -1.60
CA TRP E 263 28.48 2.86 -1.79
C TRP E 263 27.32 2.87 -2.78
N ALA E 264 26.50 3.93 -2.75
CA ALA E 264 25.37 4.01 -3.67
C ALA E 264 25.82 4.17 -5.11
N ILE E 265 26.90 4.91 -5.33
CA ILE E 265 27.33 5.20 -6.69
C ILE E 265 28.24 4.10 -7.23
N THR E 266 29.27 3.71 -6.48
CA THR E 266 30.22 2.73 -6.98
C THR E 266 29.77 1.29 -6.79
N ASP E 267 28.70 1.05 -6.02
CA ASP E 267 28.17 -0.29 -5.79
C ASP E 267 26.65 -0.25 -5.90
N PRO E 268 26.12 -0.25 -7.12
CA PRO E 268 24.66 -0.17 -7.27
C PRO E 268 23.95 -1.47 -6.93
N ILE E 269 24.59 -2.63 -7.12
CA ILE E 269 23.99 -3.88 -6.74
C ILE E 269 23.78 -3.95 -5.23
N ASP E 270 24.78 -3.52 -4.46
CA ASP E 270 24.62 -3.43 -3.01
C ASP E 270 23.58 -2.39 -2.65
N TYR E 271 23.48 -1.32 -3.44
CA TYR E 271 22.44 -0.31 -3.21
C TYR E 271 21.06 -0.93 -3.35
N VAL E 272 20.86 -1.80 -4.34
CA VAL E 272 19.57 -2.42 -4.55
C VAL E 272 19.30 -3.46 -3.47
N ASN E 273 20.28 -4.31 -3.16
CA ASN E 273 20.06 -5.49 -2.34
C ASN E 273 20.35 -5.26 -0.86
N LYS E 274 21.58 -4.89 -0.51
CA LYS E 274 22.03 -4.91 0.87
C LYS E 274 21.84 -3.60 1.62
N ARG E 275 21.34 -2.56 0.97
CA ARG E 275 21.19 -1.25 1.62
C ARG E 275 19.90 -1.24 2.43
N THR E 276 20.01 -1.21 3.74
CA THR E 276 18.89 -1.24 4.67
C THR E 276 19.04 -0.10 5.67
N PRO E 277 17.94 0.32 6.29
CA PRO E 277 18.06 1.34 7.36
C PRO E 277 18.90 0.88 8.54
N ARG E 278 19.09 -0.43 8.71
CA ARG E 278 20.03 -0.92 9.70
C ARG E 278 21.43 -0.40 9.44
N ARG E 279 21.81 -0.27 8.15
CA ARG E 279 23.10 0.30 7.82
C ARG E 279 23.19 1.76 8.24
N ALA E 280 22.11 2.52 8.03
CA ALA E 280 22.10 3.92 8.47
C ALA E 280 22.22 4.00 9.99
N ALA E 281 21.52 3.13 10.71
CA ALA E 281 21.62 3.12 12.16
C ALA E 281 23.03 2.77 12.61
N ALA E 282 23.67 1.82 11.95
CA ALA E 282 25.04 1.47 12.27
C ALA E 282 25.97 2.65 12.05
N LEU E 283 25.81 3.36 10.93
CA LEU E 283 26.68 4.50 10.66
C LEU E 283 26.48 5.60 11.68
N ILE E 284 25.22 5.90 12.02
CA ILE E 284 24.94 6.94 13.01
C ILE E 284 25.53 6.57 14.36
N SER E 285 25.34 5.31 14.77
CA SER E 285 25.87 4.86 16.04
C SER E 285 27.38 4.94 16.06
N LEU E 286 28.04 4.64 14.94
CA LEU E 286 29.49 4.67 14.92
C LEU E 286 30.02 6.10 14.93
N THR E 287 29.32 7.02 14.25
CA THR E 287 29.72 8.43 14.32
C THR E 287 29.60 8.96 15.74
N TRP E 288 28.50 8.62 16.42
CA TRP E 288 28.35 9.05 17.81
C TRP E 288 29.35 8.36 18.72
N LEU E 289 29.72 7.11 18.40
CA LEU E 289 30.75 6.42 19.15
C LEU E 289 32.08 7.15 19.05
N ILE E 290 32.45 7.59 17.84
CA ILE E 290 33.69 8.35 17.69
C ILE E 290 33.59 9.68 18.42
N GLY E 291 32.41 10.31 18.38
CA GLY E 291 32.23 11.53 19.14
C GLY E 291 32.49 11.35 20.61
N PHE E 292 31.95 10.26 21.18
CA PHE E 292 32.20 9.96 22.60
C PHE E 292 33.67 9.67 22.84
N LEU E 293 34.30 8.87 21.97
CA LEU E 293 35.70 8.51 22.15
C LEU E 293 36.63 9.71 21.97
N ILE E 294 36.15 10.79 21.38
CA ILE E 294 36.97 11.99 21.27
C ILE E 294 36.66 12.99 22.38
N SER E 295 35.44 12.96 22.94
CA SER E 295 35.06 13.93 23.95
C SER E 295 35.35 13.48 25.38
N ILE E 296 35.23 12.18 25.67
CA ILE E 296 35.27 11.63 27.02
C ILE E 296 36.68 11.47 27.59
N PRO E 297 37.69 11.05 26.82
CA PRO E 297 39.03 10.83 27.39
C PRO E 297 39.52 11.97 28.26
N PRO E 298 39.23 13.24 27.93
CA PRO E 298 39.52 14.29 28.92
C PRO E 298 38.80 14.09 30.24
N MET E 299 37.56 13.57 30.20
CA MET E 299 36.84 13.32 31.44
C MET E 299 37.46 12.18 32.22
N LEU E 300 37.90 11.15 31.51
CA LEU E 300 38.68 10.09 32.14
C LEU E 300 40.02 10.59 32.66
N GLY E 301 40.49 11.72 32.15
CA GLY E 301 41.72 12.34 32.61
C GLY E 301 42.83 12.28 31.59
N TRP E 302 43.00 13.37 30.84
CA TRP E 302 44.09 13.49 29.88
C TRP E 302 44.73 14.87 29.87
N ARG E 303 44.24 15.82 30.66
CA ARG E 303 44.78 17.17 30.65
C ARG E 303 46.06 17.23 31.47
N PRO E 311 40.19 28.72 36.67
CA PRO E 311 40.90 29.87 36.11
C PRO E 311 39.99 30.77 35.27
N ASP E 312 38.68 30.64 35.44
CA ASP E 312 37.67 31.45 34.79
C ASP E 312 37.71 31.37 33.27
N ALA E 313 38.16 30.25 32.72
CA ALA E 313 38.18 30.03 31.29
C ALA E 313 37.77 28.59 31.01
N CYS E 314 37.16 28.37 29.84
CA CYS E 314 36.64 27.05 29.52
C CYS E 314 37.34 26.47 28.29
N THR E 315 38.62 26.76 28.13
CA THR E 315 39.35 26.28 26.96
C THR E 315 39.48 24.76 27.00
N ILE E 316 39.56 24.17 25.80
CA ILE E 316 39.73 22.72 25.69
C ILE E 316 41.13 22.33 26.17
N SER E 317 41.29 21.06 26.50
CA SER E 317 42.57 20.54 26.94
C SER E 317 43.65 20.83 25.90
N LYS E 318 44.79 21.34 26.37
CA LYS E 318 45.94 21.64 25.52
C LYS E 318 46.99 20.54 25.56
N ASP E 319 46.65 19.36 26.09
CA ASP E 319 47.58 18.25 26.11
C ASP E 319 48.02 17.89 24.70
N HIS E 320 49.34 17.74 24.52
CA HIS E 320 49.88 17.51 23.18
C HIS E 320 49.36 16.19 22.60
N GLY E 321 49.45 15.11 23.38
CA GLY E 321 48.93 13.84 22.91
C GLY E 321 47.44 13.87 22.65
N TYR E 322 46.69 14.49 23.57
CA TYR E 322 45.26 14.62 23.35
C TYR E 322 44.96 15.57 22.20
N THR E 323 45.74 16.62 22.02
CA THR E 323 45.52 17.50 20.87
C THR E 323 45.66 16.72 19.57
N ILE E 324 46.72 15.93 19.44
CA ILE E 324 46.88 15.11 18.25
C ILE E 324 45.70 14.16 18.09
N TYR E 325 45.35 13.46 19.17
CA TYR E 325 44.31 12.44 19.09
C TYR E 325 42.95 13.04 18.72
N SER E 326 42.61 14.20 19.29
CA SER E 326 41.29 14.76 19.08
C SER E 326 41.18 15.56 17.80
N THR E 327 42.24 16.26 17.39
CA THR E 327 42.16 16.97 16.12
C THR E 327 42.28 16.01 14.95
N PHE E 328 42.96 14.87 15.14
CA PHE E 328 43.05 13.89 14.07
C PHE E 328 41.84 12.97 14.01
N GLY E 329 41.26 12.62 15.15
CA GLY E 329 40.13 11.71 15.14
C GLY E 329 38.81 12.41 14.89
N ALA E 330 38.80 13.74 14.96
CA ALA E 330 37.57 14.49 14.76
C ALA E 330 37.54 15.27 13.47
N PHE E 331 38.67 15.76 12.98
CA PHE E 331 38.69 16.45 11.70
C PHE E 331 39.61 15.83 10.67
N TYR E 332 40.87 15.58 11.02
CA TYR E 332 41.87 15.33 9.98
C TYR E 332 41.67 13.96 9.34
N ILE E 333 41.44 12.92 10.14
CA ILE E 333 41.02 11.64 9.57
C ILE E 333 39.66 11.75 8.89
N PRO E 334 38.65 12.41 9.47
CA PRO E 334 37.43 12.69 8.69
C PRO E 334 37.69 13.48 7.42
N LEU E 335 38.59 14.46 7.47
CA LEU E 335 38.88 15.24 6.27
C LEU E 335 39.49 14.37 5.18
N LEU E 336 40.44 13.51 5.55
CA LEU E 336 41.03 12.60 4.57
C LEU E 336 40.00 11.60 4.05
N LEU E 337 39.12 11.12 4.93
CA LEU E 337 38.10 10.17 4.50
C LEU E 337 37.14 10.81 3.49
N MET E 338 36.68 12.03 3.76
CA MET E 338 35.82 12.70 2.80
C MET E 338 36.58 13.05 1.53
N LEU E 339 37.84 13.43 1.63
CA LEU E 339 38.63 13.71 0.43
C LEU E 339 38.72 12.48 -0.45
N VAL E 340 39.06 11.33 0.13
CA VAL E 340 39.20 10.10 -0.64
C VAL E 340 37.86 9.66 -1.19
N LEU E 341 36.81 9.66 -0.35
CA LEU E 341 35.51 9.19 -0.79
C LEU E 341 34.93 10.06 -1.89
N TYR E 342 35.01 11.38 -1.75
CA TYR E 342 34.47 12.26 -2.78
C TYR E 342 35.36 12.33 -4.00
N GLY E 343 36.66 12.06 -3.88
CA GLY E 343 37.48 11.91 -5.07
C GLY E 343 37.12 10.66 -5.85
N ARG E 344 36.88 9.55 -5.15
CA ARG E 344 36.42 8.34 -5.83
C ARG E 344 35.05 8.54 -6.43
N ILE E 345 34.16 9.24 -5.74
CA ILE E 345 32.84 9.55 -6.27
C ILE E 345 32.96 10.47 -7.48
N PHE E 346 33.91 11.39 -7.46
CA PHE E 346 34.16 12.26 -8.61
C PHE E 346 34.64 11.46 -9.81
N ARG E 347 35.55 10.50 -9.57
CA ARG E 347 36.01 9.63 -10.64
C ARG E 347 34.86 8.81 -11.20
N ALA E 348 33.99 8.30 -10.33
CA ALA E 348 32.85 7.51 -10.79
C ALA E 348 31.86 8.36 -11.57
N ALA E 349 31.61 9.59 -11.12
CA ALA E 349 30.70 10.47 -11.83
C ALA E 349 31.25 10.85 -13.20
N ARG E 350 32.56 11.13 -13.28
CA ARG E 350 33.16 11.42 -14.57
C ARG E 350 33.11 10.21 -15.48
N PHE E 351 33.35 9.03 -14.95
CA PHE E 351 33.25 7.81 -15.75
C PHE E 351 31.83 7.60 -16.25
N ARG E 352 30.83 7.86 -15.39
CA ARG E 352 29.44 7.73 -15.82
C ARG E 352 29.10 8.72 -16.93
N ILE E 353 29.56 9.97 -16.80
CA ILE E 353 29.29 10.96 -17.84
C ILE E 353 29.98 10.55 -19.15
N ARG E 354 31.23 10.10 -19.06
CA ARG E 354 31.94 9.68 -20.27
C ARG E 354 31.25 8.50 -20.93
N LYS E 355 30.78 7.54 -20.13
CA LYS E 355 30.01 6.43 -20.68
C LYS E 355 28.72 6.90 -21.33
N THR E 356 28.08 7.92 -20.74
CA THR E 356 26.91 8.51 -21.37
C THR E 356 27.24 9.08 -22.74
N VAL E 357 28.40 9.72 -22.87
CA VAL E 357 28.80 10.28 -24.16
C VAL E 357 29.80 9.36 -24.83
N LYS E 358 29.80 8.09 -24.47
CA LYS E 358 30.65 7.09 -25.12
C LYS E 358 29.96 6.50 -26.35
N ALA E 456 24.40 15.36 -32.20
CA ALA E 456 24.73 14.67 -30.95
C ALA E 456 25.42 15.63 -29.98
N GLU E 457 25.52 16.90 -30.39
CA GLU E 457 26.17 17.89 -29.53
C GLU E 457 25.35 18.16 -28.28
N ALA E 458 24.03 17.88 -28.31
CA ALA E 458 23.21 18.03 -27.12
C ALA E 458 23.70 17.09 -26.02
N LYS E 459 24.12 15.87 -26.39
CA LYS E 459 24.72 14.96 -25.42
C LYS E 459 26.01 15.55 -24.87
N ARG E 460 26.83 16.17 -25.74
CA ARG E 460 28.07 16.79 -25.27
C ARG E 460 27.77 18.00 -24.38
N LYS E 461 26.73 18.77 -24.73
CA LYS E 461 26.33 19.89 -23.88
C LYS E 461 25.91 19.40 -22.49
N MET E 462 25.12 18.33 -22.45
CA MET E 462 24.74 17.75 -21.17
C MET E 462 25.94 17.19 -20.42
N ALA E 463 26.91 16.62 -21.14
CA ALA E 463 28.12 16.13 -20.49
C ALA E 463 28.88 17.26 -19.81
N LEU E 464 29.07 18.39 -20.53
CA LEU E 464 29.73 19.54 -19.92
C LEU E 464 28.94 20.07 -18.75
N ALA E 465 27.61 20.14 -18.89
CA ALA E 465 26.78 20.64 -17.79
C ALA E 465 26.88 19.73 -16.56
N ARG E 466 26.91 18.42 -16.77
CA ARG E 466 26.96 17.49 -15.64
C ARG E 466 28.34 17.47 -15.00
N GLU E 467 29.41 17.62 -15.79
CA GLU E 467 30.73 17.73 -15.21
C GLU E 467 30.85 19.01 -14.38
N ARG E 468 30.33 20.13 -14.90
CA ARG E 468 30.33 21.35 -14.11
C ARG E 468 29.45 21.20 -12.87
N LYS E 469 28.37 20.44 -12.97
CA LYS E 469 27.48 20.24 -11.84
C LYS E 469 28.15 19.40 -10.75
N THR E 470 28.85 18.34 -11.13
CA THR E 470 29.53 17.52 -10.13
C THR E 470 30.68 18.29 -9.49
N VAL E 471 31.40 19.10 -10.28
CA VAL E 471 32.44 19.94 -9.70
C VAL E 471 31.82 20.95 -8.75
N LYS E 472 30.69 21.55 -9.12
CA LYS E 472 30.05 22.53 -8.25
C LYS E 472 29.54 21.90 -6.96
N THR E 473 28.97 20.70 -7.03
CA THR E 473 28.42 20.07 -5.84
C THR E 473 29.53 19.61 -4.90
N LEU E 474 30.58 19.00 -5.44
CA LEU E 474 31.72 18.67 -4.60
C LEU E 474 32.38 19.92 -4.04
N GLY E 475 32.43 21.00 -4.82
CA GLY E 475 32.92 22.25 -4.30
C GLY E 475 32.10 22.73 -3.12
N ILE E 476 30.78 22.71 -3.27
CA ILE E 476 29.92 23.18 -2.18
C ILE E 476 30.17 22.36 -0.92
N ILE E 477 30.09 21.03 -1.03
CA ILE E 477 30.23 20.17 0.13
C ILE E 477 31.60 20.35 0.77
N MET E 478 32.66 20.11 -0.01
CA MET E 478 34.00 20.04 0.53
C MET E 478 34.49 21.42 0.95
N GLY E 479 34.15 22.46 0.19
CA GLY E 479 34.54 23.80 0.57
C GLY E 479 33.85 24.28 1.83
N THR E 480 32.55 23.97 1.99
CA THR E 480 31.89 24.35 3.23
C THR E 480 32.51 23.62 4.41
N PHE E 481 32.70 22.31 4.28
CA PHE E 481 33.33 21.55 5.36
C PHE E 481 34.70 22.11 5.71
N ILE E 482 35.55 22.34 4.70
CA ILE E 482 36.90 22.79 4.94
C ILE E 482 36.91 24.20 5.52
N LEU E 483 36.33 25.17 4.82
CA LEU E 483 36.39 26.54 5.31
C LEU E 483 35.49 26.76 6.52
N CYS E 484 34.77 25.75 6.98
CA CYS E 484 34.15 25.84 8.30
C CYS E 484 35.08 25.33 9.39
N TRP E 485 35.60 24.11 9.24
CA TRP E 485 36.31 23.49 10.35
C TRP E 485 37.84 23.56 10.26
N LEU E 486 38.42 23.49 9.06
CA LEU E 486 39.87 23.53 8.94
C LEU E 486 40.50 24.80 9.50
N PRO E 487 39.97 26.01 9.28
CA PRO E 487 40.54 27.17 9.99
C PRO E 487 40.57 26.97 11.49
N PHE E 488 39.53 26.36 12.05
CA PHE E 488 39.56 26.03 13.47
C PHE E 488 40.62 24.98 13.78
N PHE E 489 40.62 23.87 13.05
CA PHE E 489 41.44 22.74 13.48
C PHE E 489 42.93 22.91 13.23
N ILE E 490 43.33 23.72 12.25
CA ILE E 490 44.74 24.06 12.14
C ILE E 490 45.23 24.73 13.42
N VAL E 491 44.46 25.70 13.91
CA VAL E 491 44.79 26.39 15.15
C VAL E 491 44.68 25.45 16.34
N ALA E 492 43.63 24.63 16.38
CA ALA E 492 43.47 23.70 17.49
C ALA E 492 44.58 22.66 17.53
N LEU E 493 45.26 22.44 16.41
CA LEU E 493 46.40 21.53 16.36
C LEU E 493 47.71 22.21 16.74
N VAL E 494 47.98 23.39 16.19
CA VAL E 494 49.27 24.03 16.38
C VAL E 494 49.34 24.79 17.70
N LEU E 495 48.19 25.27 18.18
CA LEU E 495 48.17 26.19 19.32
C LEU E 495 48.74 25.59 20.60
N PRO E 496 48.39 24.36 21.00
CA PRO E 496 49.11 23.75 22.14
C PRO E 496 50.59 23.62 21.89
N PHE E 497 51.02 23.43 20.65
CA PHE E 497 52.43 23.36 20.32
C PHE E 497 53.08 24.74 20.25
N CYS E 498 52.28 25.79 20.32
CA CYS E 498 52.75 27.18 20.40
C CYS E 498 52.35 27.80 21.74
N GLU E 499 52.54 27.05 22.82
CA GLU E 499 52.03 27.46 24.13
C GLU E 499 52.62 28.78 24.60
N SER E 500 53.79 29.16 24.10
CA SER E 500 54.41 30.42 24.50
C SER E 500 54.85 31.27 23.32
N SER E 501 55.22 30.67 22.20
CA SER E 501 55.70 31.44 21.05
C SER E 501 54.54 32.07 20.30
N CYS E 502 53.66 31.25 19.74
CA CYS E 502 52.47 31.75 19.07
C CYS E 502 51.45 32.22 20.10
N HIS E 503 50.78 33.33 19.80
CA HIS E 503 49.77 33.89 20.67
C HIS E 503 48.47 34.01 19.90
N MET E 504 47.40 33.46 20.47
CA MET E 504 46.14 33.49 19.75
C MET E 504 45.43 34.81 20.04
N PRO E 505 45.13 35.61 19.01
CA PRO E 505 44.57 36.95 19.24
C PRO E 505 43.24 36.96 20.01
N THR E 506 42.60 35.81 20.14
CA THR E 506 41.32 35.59 20.81
C THR E 506 40.15 36.21 20.06
N LEU E 507 40.41 36.93 18.97
CA LEU E 507 39.38 37.35 18.02
C LEU E 507 39.38 36.43 16.80
N LEU E 508 40.56 36.15 16.25
CA LEU E 508 40.67 35.18 15.18
C LEU E 508 40.24 33.80 15.65
N GLY E 509 40.60 33.43 16.88
CA GLY E 509 40.17 32.15 17.41
C GLY E 509 38.67 32.08 17.56
N ALA E 510 38.06 33.18 18.00
CA ALA E 510 36.61 33.24 18.08
C ALA E 510 35.98 33.08 16.70
N ILE E 511 36.54 33.76 15.69
CA ILE E 511 35.99 33.70 14.35
C ILE E 511 36.08 32.29 13.79
N ILE E 512 37.23 31.62 13.99
CA ILE E 512 37.40 30.28 13.44
C ILE E 512 36.50 29.28 14.17
N ASN E 513 36.36 29.44 15.49
CA ASN E 513 35.47 28.55 16.23
C ASN E 513 34.03 28.73 15.79
N TRP E 514 33.61 29.97 15.53
CA TRP E 514 32.24 30.19 15.11
C TRP E 514 32.02 29.83 13.65
N LEU E 515 33.07 29.80 12.83
CA LEU E 515 32.96 29.15 11.53
C LEU E 515 32.68 27.67 11.69
N GLY E 516 33.42 27.02 12.59
CA GLY E 516 33.14 25.63 12.88
C GLY E 516 31.71 25.41 13.36
N TYR E 517 31.23 26.28 14.24
CA TYR E 517 29.85 26.19 14.70
C TYR E 517 28.86 26.41 13.55
N SER E 518 29.12 27.40 12.71
CA SER E 518 28.25 27.69 11.57
C SER E 518 28.20 26.55 10.58
N ASN E 519 29.18 25.65 10.61
CA ASN E 519 29.03 24.42 9.83
C ASN E 519 27.75 23.69 10.18
N SER E 520 27.33 23.75 11.45
CA SER E 520 26.07 23.12 11.85
C SER E 520 24.86 23.86 11.29
N LEU E 521 24.98 25.17 11.06
CA LEU E 521 23.90 25.91 10.43
C LEU E 521 23.82 25.61 8.93
N LEU E 522 24.98 25.46 8.28
CA LEU E 522 24.99 25.24 6.84
C LEU E 522 24.88 23.79 6.42
N ASN E 523 25.02 22.84 7.33
CA ASN E 523 24.82 21.44 6.96
C ASN E 523 23.42 21.15 6.42
N PRO E 524 22.32 21.58 7.07
CA PRO E 524 21.01 21.35 6.45
C PRO E 524 20.84 22.03 5.12
N VAL E 525 21.48 23.18 4.92
CA VAL E 525 21.39 23.88 3.64
C VAL E 525 22.01 23.04 2.53
N ILE E 526 23.19 22.49 2.76
CA ILE E 526 23.86 21.71 1.73
C ILE E 526 23.14 20.40 1.50
N TYR E 527 22.89 19.66 2.58
CA TYR E 527 22.48 18.27 2.45
C TYR E 527 20.98 18.07 2.34
N ALA E 528 20.18 19.00 2.86
CA ALA E 528 18.73 18.86 2.78
C ALA E 528 18.10 19.91 1.88
N TYR E 529 18.29 21.20 2.18
CA TYR E 529 17.59 22.23 1.41
C TYR E 529 18.03 22.29 -0.04
N PHE E 530 19.22 21.78 -0.36
CA PHE E 530 19.63 21.67 -1.75
C PHE E 530 19.19 20.37 -2.39
N ASN E 531 18.59 19.46 -1.63
CA ASN E 531 18.09 18.21 -2.18
C ASN E 531 16.70 18.43 -2.78
N LYS E 532 16.52 17.98 -4.02
CA LYS E 532 15.27 18.24 -4.72
C LYS E 532 14.08 17.60 -4.03
N ASP E 533 14.25 16.38 -3.51
CA ASP E 533 13.18 15.72 -2.79
C ASP E 533 12.77 16.52 -1.56
N PHE E 534 13.76 17.04 -0.82
CA PHE E 534 13.47 17.89 0.31
C PHE E 534 12.78 19.18 -0.12
N GLN E 535 13.19 19.75 -1.25
CA GLN E 535 12.55 20.98 -1.72
C GLN E 535 11.09 20.75 -2.03
N ASN E 536 10.77 19.64 -2.72
CA ASN E 536 9.37 19.31 -2.98
C ASN E 536 8.61 19.06 -1.69
N ALA E 537 9.26 18.37 -0.74
CA ALA E 537 8.61 18.09 0.53
C ALA E 537 8.26 19.37 1.28
N PHE E 538 9.17 20.34 1.27
CA PHE E 538 8.91 21.61 1.93
C PHE E 538 7.87 22.41 1.17
N LYS E 539 7.85 22.30 -0.16
CA LYS E 539 6.77 22.90 -0.93
C LYS E 539 5.42 22.28 -0.60
N LYS E 540 5.42 21.03 -0.14
CA LYS E 540 4.17 20.40 0.28
C LYS E 540 3.61 20.99 1.56
N ILE E 541 4.43 21.67 2.36
CA ILE E 541 3.96 22.28 3.60
C ILE E 541 4.49 23.70 3.73
#